data_8ESF
#
_entry.id   8ESF
#
_cell.length_a   88.173
_cell.length_b   83.307
_cell.length_c   90.830
_cell.angle_alpha   90.000
_cell.angle_beta   94.360
_cell.angle_gamma   90.000
#
_symmetry.space_group_name_H-M   'P 1 21 1'
#
loop_
_entity.id
_entity.type
_entity.pdbx_description
1 polymer Nischarin
2 non-polymer IMIDAZOLE
3 water water
#
_entity_poly.entity_id   1
_entity_poly.type   'polypeptide(L)'
_entity_poly.pdbx_seq_one_letter_code
;MGSSHHHHHHSSGLVPRGSHMASMTGGQQMGRGSMATARTFGPEREAEPAKEARVVGSELVDNYTVYIIQVRVGSHKWTV
KHRYSDFHDLHEKLVAEHKIDKNLLPPKKIIGKNSRSLVEKRRKDLEVYLQKLLAYFPGVTPRVLAHFLHFHKYEINGIT
QALAEELFEKGEQLLQAGEVFEITPLQLYAVTEQLQQGKPTCASGDAKTDLGHILDFCCRLKYLKIQGTEGPFGTSNIIE
QQLPFDLSIFKSLHQVEISHCDARHIYGLEASKPTLATLSVRFSTTSMKEVLVPEASEFDEWEPEGTTLEGPVTAVIPTW
QALTTLDLSHNCISCIDESVKLIPKIEFLDLSHNELLVVDNLQHLYNLVHLDLSYNKLTSLEGLHTKLGNIKTLNLAGNL
LESLSGLHKLYSLVNLDLSNNRIEQMEEVRHIGSLPCLEYLSLTNNPVTTIPDYRTKVLAQFGDRASEVCLDDEVTTQKE
LDTVEVLKAIQKAKEVKSKLSN
;
_entity_poly.pdbx_strand_id   A,B
#
# COMPACT_ATOMS: atom_id res chain seq x y z
N GLU A 48 3.16 23.15 -0.26
CA GLU A 48 3.22 22.16 0.87
C GLU A 48 1.80 21.71 1.30
N PRO A 49 1.61 20.40 1.55
CA PRO A 49 0.27 19.90 1.97
C PRO A 49 -0.20 20.41 3.32
N ALA A 50 -1.51 20.64 3.42
CA ALA A 50 -2.13 21.03 4.68
C ALA A 50 -2.19 19.85 5.67
N LYS A 51 -1.96 20.16 6.95
CA LYS A 51 -1.90 19.15 8.02
C LYS A 51 -3.24 19.10 8.73
N GLU A 52 -3.81 17.90 8.83
CA GLU A 52 -5.15 17.68 9.37
C GLU A 52 -5.12 16.66 10.49
N ALA A 53 -5.88 16.91 11.56
CA ALA A 53 -6.03 15.96 12.65
C ALA A 53 -7.51 15.78 13.00
N ARG A 54 -7.90 14.53 13.22
CA ARG A 54 -9.25 14.15 13.62
C ARG A 54 -9.14 13.24 14.83
N VAL A 55 -9.95 13.49 15.86
CA VAL A 55 -10.02 12.59 17.01
C VAL A 55 -11.15 11.59 16.73
N VAL A 56 -10.79 10.46 16.11
CA VAL A 56 -11.78 9.55 15.54
C VAL A 56 -12.46 8.66 16.57
N GLY A 57 -11.89 8.52 17.75
CA GLY A 57 -12.48 7.65 18.76
C GLY A 57 -11.65 7.67 20.03
N SER A 58 -11.96 6.68 20.88
CA SER A 58 -11.31 6.50 22.17
C SER A 58 -11.34 5.03 22.55
N GLU A 59 -10.41 4.65 23.44
CA GLU A 59 -10.38 3.28 23.97
C GLU A 59 -9.78 3.29 25.38
N LEU A 60 -10.07 2.21 26.09
CA LEU A 60 -9.62 2.00 27.48
C LEU A 60 -8.24 1.32 27.50
N VAL A 61 -7.29 1.97 28.16
CA VAL A 61 -5.94 1.44 28.38
C VAL A 61 -5.69 1.44 29.89
N ASP A 62 -5.41 0.27 30.45
CA ASP A 62 -5.31 0.08 31.90
C ASP A 62 -6.53 0.68 32.62
N ASN A 63 -6.37 1.78 33.36
CA ASN A 63 -7.45 2.44 34.10
C ASN A 63 -7.78 3.83 33.57
N TYR A 64 -7.45 4.12 32.30
CA TYR A 64 -7.71 5.43 31.68
C TYR A 64 -8.13 5.33 30.21
N THR A 65 -8.72 6.41 29.71
CA THR A 65 -9.11 6.53 28.31
C THR A 65 -8.02 7.24 27.51
N VAL A 66 -7.66 6.68 26.34
CA VAL A 66 -6.88 7.40 25.35
C VAL A 66 -7.77 7.81 24.19
N TYR A 67 -7.51 9.01 23.67
CA TYR A 67 -8.17 9.53 22.49
C TYR A 67 -7.30 9.19 21.28
N ILE A 68 -7.96 8.65 20.25
CA ILE A 68 -7.31 8.15 19.05
C ILE A 68 -7.38 9.25 18.00
N ILE A 69 -6.22 9.72 17.59
CA ILE A 69 -6.11 10.82 16.64
C ILE A 69 -5.61 10.22 15.32
N GLN A 70 -6.36 10.45 14.25
CA GLN A 70 -5.85 10.22 12.89
C GLN A 70 -5.28 11.52 12.36
N VAL A 71 -4.03 11.47 11.94
CA VAL A 71 -3.30 12.61 11.41
C VAL A 71 -3.11 12.37 9.92
N ARG A 72 -3.41 13.37 9.10
CA ARG A 72 -3.25 13.28 7.66
C ARG A 72 -2.40 14.44 7.16
N VAL A 73 -1.41 14.14 6.33
CA VAL A 73 -0.61 15.12 5.62
C VAL A 73 -0.55 14.66 4.16
N GLY A 74 -1.30 15.32 3.30
CA GLY A 74 -1.43 14.92 1.91
C GLY A 74 -1.97 13.51 1.74
N SER A 75 -1.18 12.65 1.07
CA SER A 75 -1.48 11.24 0.87
C SER A 75 -1.08 10.35 2.05
N HIS A 76 -0.31 10.85 3.00
CA HIS A 76 0.09 10.07 4.15
C HIS A 76 -0.85 10.28 5.35
N LYS A 77 -1.14 9.18 6.02
CA LYS A 77 -2.10 9.09 7.12
C LYS A 77 -1.50 8.19 8.20
N TRP A 78 -1.63 8.60 9.47
CA TRP A 78 -1.16 7.77 10.58
C TRP A 78 -2.02 8.00 11.83
N THR A 79 -1.92 7.09 12.80
CA THR A 79 -2.71 7.16 14.02
C THR A 79 -1.83 7.25 15.27
N VAL A 80 -2.28 8.07 16.23
CA VAL A 80 -1.60 8.34 17.49
C VAL A 80 -2.65 8.28 18.62
N LYS A 81 -2.24 7.81 19.80
CA LYS A 81 -3.16 7.73 20.95
C LYS A 81 -2.63 8.52 22.13
N HIS A 82 -3.47 9.36 22.74
CA HIS A 82 -3.09 10.13 23.92
C HIS A 82 -4.22 10.21 24.95
N ARG A 83 -3.88 10.02 26.22
CA ARG A 83 -4.80 10.36 27.31
C ARG A 83 -4.90 11.88 27.46
N TYR A 84 -5.99 12.34 28.11
CA TYR A 84 -6.19 13.78 28.33
C TYR A 84 -4.96 14.47 28.95
N SER A 85 -4.34 13.87 29.95
CA SER A 85 -3.20 14.55 30.58
C SER A 85 -2.02 14.76 29.65
N ASP A 86 -1.91 13.99 28.56
CA ASP A 86 -0.89 14.31 27.57
C ASP A 86 -1.22 15.59 26.79
N PHE A 87 -2.51 15.85 26.54
CA PHE A 87 -2.91 17.13 25.96
C PHE A 87 -2.67 18.28 26.94
N HIS A 88 -2.94 18.02 28.23
CA HIS A 88 -2.68 19.02 29.28
C HIS A 88 -1.19 19.36 29.38
N ASP A 89 -0.35 18.33 29.39
CA ASP A 89 1.10 18.52 29.37
C ASP A 89 1.59 19.23 28.10
N LEU A 90 0.95 18.94 26.96
CA LEU A 90 1.23 19.69 25.72
C LEU A 90 0.85 21.16 25.86
N HIS A 91 -0.36 21.41 26.39
CA HIS A 91 -0.86 22.76 26.56
C HIS A 91 0.00 23.64 27.45
N GLU A 92 0.50 23.09 28.57
CA GLU A 92 1.45 23.83 29.42
C GLU A 92 2.66 24.35 28.63
N LYS A 93 3.29 23.49 27.83
CA LYS A 93 4.46 23.89 27.06
C LYS A 93 4.10 24.89 25.96
N LEU A 94 2.94 24.70 25.31
CA LEU A 94 2.51 25.64 24.28
C LEU A 94 2.16 27.02 24.83
N VAL A 95 1.53 27.12 26.02
CA VAL A 95 1.29 28.44 26.62
C VAL A 95 2.60 29.09 27.08
N ALA A 96 3.51 28.29 27.64
CA ALA A 96 4.77 28.85 28.17
C ALA A 96 5.68 29.34 27.04
N GLU A 97 5.81 28.57 25.95
CA GLU A 97 6.85 28.79 24.94
C GLU A 97 6.33 29.46 23.66
N HIS A 98 5.02 29.40 23.36
CA HIS A 98 4.47 29.94 22.11
C HIS A 98 3.28 30.88 22.36
N LYS A 99 3.14 31.40 23.58
CA LYS A 99 2.19 32.46 23.95
C LYS A 99 0.71 32.10 23.70
N ILE A 100 0.40 30.78 23.63
CA ILE A 100 -0.95 30.28 23.31
C ILE A 100 -1.97 30.67 24.37
N ASP A 101 -3.23 30.83 23.95
CA ASP A 101 -4.34 31.15 24.86
C ASP A 101 -4.54 30.06 25.92
N LYS A 102 -4.32 30.44 27.17
CA LYS A 102 -4.40 29.52 28.32
C LYS A 102 -5.75 28.82 28.46
N ASN A 103 -6.85 29.41 27.99
CA ASN A 103 -8.18 28.78 28.10
C ASN A 103 -8.58 27.97 26.86
N LEU A 104 -7.66 27.75 25.93
CA LEU A 104 -7.98 27.07 24.67
C LEU A 104 -8.25 25.57 24.84
N LEU A 105 -7.56 24.91 25.77
CA LEU A 105 -7.74 23.49 26.06
C LEU A 105 -9.04 23.24 26.84
N PRO A 106 -9.82 22.21 26.49
CA PRO A 106 -10.99 21.84 27.33
C PRO A 106 -10.61 21.44 28.73
N PRO A 107 -11.54 21.57 29.67
CA PRO A 107 -11.24 21.42 31.11
C PRO A 107 -10.79 20.03 31.53
N LYS A 108 -9.96 20.03 32.59
CA LYS A 108 -9.51 18.80 33.24
C LYS A 108 -10.62 18.14 34.05
N LYS A 109 -11.37 18.94 34.82
CA LYS A 109 -12.53 18.49 35.58
C LYS A 109 -13.71 18.19 34.67
N ILE A 110 -14.24 16.96 34.74
CA ILE A 110 -15.37 16.53 33.90
C ILE A 110 -16.39 15.77 34.75
N ILE A 111 -17.64 16.22 34.70
CA ILE A 111 -18.68 15.80 35.66
C ILE A 111 -20.03 15.71 34.95
N GLY A 112 -20.82 14.69 35.32
CA GLY A 112 -22.11 14.42 34.71
C GLY A 112 -22.54 12.98 34.94
N LYS A 113 -23.75 12.66 34.43
CA LYS A 113 -24.39 11.36 34.68
C LYS A 113 -24.16 10.30 33.60
N ASN A 114 -23.84 10.69 32.37
CA ASN A 114 -23.60 9.75 31.27
C ASN A 114 -22.12 9.77 30.84
N SER A 115 -21.38 8.69 31.15
CA SER A 115 -19.95 8.64 30.82
C SER A 115 -19.68 8.68 29.31
N ARG A 116 -20.53 8.01 28.51
CA ARG A 116 -20.35 8.00 27.05
C ARG A 116 -20.50 9.39 26.46
N SER A 117 -21.52 10.12 26.91
CA SER A 117 -21.78 11.48 26.45
C SER A 117 -20.67 12.45 26.86
N LEU A 118 -20.14 12.31 28.07
CA LEU A 118 -19.01 13.13 28.51
C LEU A 118 -17.75 12.88 27.68
N VAL A 119 -17.44 11.60 27.42
CA VAL A 119 -16.29 11.26 26.60
C VAL A 119 -16.45 11.76 25.17
N GLU A 120 -17.68 11.68 24.63
CA GLU A 120 -17.95 12.23 23.29
C GLU A 120 -17.75 13.75 23.22
N LYS A 121 -18.17 14.49 24.26
CA LYS A 121 -17.94 15.93 24.29
C LYS A 121 -16.45 16.27 24.42
N ARG A 122 -15.73 15.52 25.27
CA ARG A 122 -14.28 15.69 25.35
C ARG A 122 -13.59 15.35 24.01
N ARG A 123 -14.04 14.27 23.32
CA ARG A 123 -13.52 13.92 22.00
C ARG A 123 -13.66 15.07 21.00
N LYS A 124 -14.88 15.65 20.89
CA LYS A 124 -15.12 16.83 20.05
C LYS A 124 -14.23 18.00 20.44
N ASP A 125 -14.14 18.28 21.74
CA ASP A 125 -13.39 19.45 22.20
C ASP A 125 -11.88 19.33 21.98
N LEU A 126 -11.32 18.12 22.16
CA LEU A 126 -9.90 17.89 21.84
C LEU A 126 -9.64 17.93 20.33
N GLU A 127 -10.60 17.55 19.49
CA GLU A 127 -10.44 17.73 18.05
C GLU A 127 -10.40 19.20 17.67
N VAL A 128 -11.32 20.01 18.23
CA VAL A 128 -11.29 21.46 17.99
C VAL A 128 -9.98 22.07 18.46
N TYR A 129 -9.50 21.66 19.64
CA TYR A 129 -8.21 22.13 20.15
C TYR A 129 -7.07 21.86 19.17
N LEU A 130 -6.92 20.61 18.71
CA LEU A 130 -5.82 20.29 17.77
C LEU A 130 -5.97 21.03 16.42
N GLN A 131 -7.20 21.18 15.93
CA GLN A 131 -7.41 21.92 14.68
C GLN A 131 -7.09 23.40 14.83
N LYS A 132 -7.42 24.01 15.98
CA LYS A 132 -6.98 25.39 16.25
C LYS A 132 -5.46 25.51 16.32
N LEU A 133 -4.78 24.56 17.00
CA LEU A 133 -3.31 24.59 17.01
C LEU A 133 -2.71 24.45 15.62
N LEU A 134 -3.23 23.52 14.80
CA LEU A 134 -2.71 23.35 13.44
C LEU A 134 -3.02 24.53 12.50
N ALA A 135 -4.11 25.26 12.73
CA ALA A 135 -4.37 26.49 12.00
C ALA A 135 -3.51 27.65 12.47
N TYR A 136 -3.10 27.66 13.74
CA TYR A 136 -2.26 28.72 14.29
C TYR A 136 -0.78 28.51 13.99
N PHE A 137 -0.32 27.27 13.80
CA PHE A 137 1.02 26.96 13.32
C PHE A 137 1.01 26.31 11.92
N PRO A 138 0.62 27.05 10.88
CA PRO A 138 0.62 26.50 9.51
C PRO A 138 2.01 26.32 8.95
N GLY A 139 2.99 27.10 9.41
CA GLY A 139 4.39 27.02 9.00
C GLY A 139 5.18 25.99 9.79
N VAL A 140 6.29 26.42 10.39
CA VAL A 140 7.08 25.53 11.24
C VAL A 140 6.28 25.15 12.48
N THR A 141 6.24 23.85 12.79
CA THR A 141 5.46 23.31 13.91
C THR A 141 6.32 23.26 15.18
N PRO A 142 5.79 23.75 16.32
CA PRO A 142 6.52 23.62 17.61
C PRO A 142 6.88 22.18 17.91
N ARG A 143 8.11 21.99 18.40
CA ARG A 143 8.64 20.64 18.56
C ARG A 143 7.76 19.76 19.46
N VAL A 144 7.13 20.37 20.47
CA VAL A 144 6.19 19.65 21.34
C VAL A 144 5.01 19.09 20.55
N LEU A 145 4.40 19.94 19.71
CA LEU A 145 3.25 19.54 18.89
C LEU A 145 3.64 18.54 17.81
N ALA A 146 4.83 18.72 17.25
CA ALA A 146 5.39 17.76 16.29
C ALA A 146 5.57 16.37 16.91
N HIS A 147 6.18 16.29 18.11
CA HIS A 147 6.30 14.99 18.79
C HIS A 147 4.95 14.41 19.21
N PHE A 148 4.02 15.29 19.63
CA PHE A 148 2.69 14.85 20.05
C PHE A 148 1.91 14.18 18.91
N LEU A 149 1.98 14.74 17.70
CA LEU A 149 1.31 14.17 16.52
C LEU A 149 2.22 13.22 15.71
N HIS A 150 3.40 12.91 16.22
CA HIS A 150 4.40 12.01 15.59
C HIS A 150 4.92 12.49 14.21
N PHE A 151 4.99 13.81 14.03
CA PHE A 151 5.58 14.40 12.83
C PHE A 151 7.05 14.02 12.67
N HIS A 152 7.77 13.82 13.77
CA HIS A 152 9.16 13.37 13.74
C HIS A 152 9.34 11.97 13.15
N LYS A 153 8.28 11.17 13.06
CA LYS A 153 8.32 9.84 12.47
C LYS A 153 7.72 9.80 11.08
N TYR A 154 6.71 10.61 10.75
CA TYR A 154 5.95 10.44 9.52
C TYR A 154 5.79 11.71 8.66
N GLU A 155 6.17 12.89 9.14
CA GLU A 155 5.99 14.15 8.41
C GLU A 155 7.33 14.73 7.95
N ILE A 156 7.38 15.25 6.73
CA ILE A 156 8.65 15.59 6.07
C ILE A 156 9.54 16.52 6.89
N ASN A 157 8.94 17.58 7.44
CA ASN A 157 9.70 18.59 8.19
C ASN A 157 10.07 18.10 9.58
N GLY A 158 9.18 17.32 10.21
CA GLY A 158 9.52 16.68 11.48
C GLY A 158 10.61 15.64 11.37
N ILE A 159 10.56 14.82 10.32
CA ILE A 159 11.60 13.82 10.05
C ILE A 159 12.96 14.50 9.86
N THR A 160 13.01 15.54 9.00
CA THR A 160 14.28 16.21 8.73
C THR A 160 14.79 16.99 9.94
N GLN A 161 13.88 17.59 10.72
CA GLN A 161 14.27 18.18 12.02
C GLN A 161 14.91 17.13 12.94
N ALA A 162 14.27 15.98 13.09
CA ALA A 162 14.82 14.93 13.96
C ALA A 162 16.15 14.38 13.42
N LEU A 163 16.32 14.31 12.10
CA LEU A 163 17.60 13.88 11.53
C LEU A 163 18.71 14.89 11.80
N ALA A 164 18.44 16.19 11.65
CA ALA A 164 19.45 17.18 11.98
C ALA A 164 19.80 17.19 13.47
N GLU A 165 18.83 16.90 14.35
CA GLU A 165 19.15 16.71 15.78
C GLU A 165 20.05 15.50 16.01
N GLU A 166 19.79 14.40 15.30
CA GLU A 166 20.60 13.18 15.41
C GLU A 166 22.03 13.43 14.94
N LEU A 167 22.17 14.09 13.80
CA LEU A 167 23.49 14.39 13.21
C LEU A 167 24.24 15.45 14.00
N PHE A 168 23.52 16.41 14.59
CA PHE A 168 24.17 17.35 15.52
C PHE A 168 24.77 16.60 16.71
N GLU A 169 24.00 15.69 17.32
CA GLU A 169 24.50 14.99 18.50
C GLU A 169 25.61 13.97 18.17
N LYS A 170 25.49 13.20 17.06
CA LYS A 170 26.31 12.00 16.83
C LYS A 170 27.11 11.99 15.52
N GLY A 171 26.82 12.93 14.61
CA GLY A 171 27.32 12.82 13.24
C GLY A 171 28.83 12.92 13.11
N GLU A 172 29.42 13.95 13.71
CA GLU A 172 30.87 14.14 13.59
C GLU A 172 31.65 12.98 14.21
N GLN A 173 31.16 12.45 15.34
CA GLN A 173 31.80 11.29 15.97
C GLN A 173 31.83 10.09 15.03
N LEU A 174 30.70 9.76 14.40
CA LEU A 174 30.66 8.55 13.57
C LEU A 174 31.42 8.76 12.24
N LEU A 175 31.43 10.00 11.68
CA LEU A 175 32.29 10.31 10.53
C LEU A 175 33.76 10.07 10.82
N GLN A 176 34.21 10.50 12.01
CA GLN A 176 35.60 10.36 12.42
C GLN A 176 35.93 8.93 12.84
N ALA A 177 35.00 8.23 13.45
CA ALA A 177 35.17 6.81 13.78
C ALA A 177 35.15 5.90 12.54
N GLY A 178 34.63 6.36 11.42
CA GLY A 178 34.51 5.52 10.23
C GLY A 178 33.44 4.46 10.37
N GLU A 179 32.39 4.74 11.14
CA GLU A 179 31.28 3.83 11.38
C GLU A 179 30.21 3.94 10.29
N VAL A 180 29.46 2.87 10.09
CA VAL A 180 28.35 2.86 9.13
C VAL A 180 27.19 3.68 9.66
N PHE A 181 26.76 4.67 8.90
CA PHE A 181 25.53 5.38 9.20
C PHE A 181 24.32 4.64 8.64
N GLU A 182 23.31 4.41 9.48
CA GLU A 182 22.04 3.82 9.06
C GLU A 182 20.95 4.87 8.85
N ILE A 183 20.26 4.79 7.71
CA ILE A 183 19.13 5.67 7.40
C ILE A 183 18.00 4.88 6.74
N THR A 184 16.78 5.43 6.82
CA THR A 184 15.61 4.82 6.16
C THR A 184 15.25 5.51 4.85
N PRO A 185 14.60 4.79 3.93
CA PRO A 185 14.00 5.43 2.73
C PRO A 185 13.11 6.60 3.05
N LEU A 186 12.35 6.54 4.14
CA LEU A 186 11.48 7.65 4.53
C LEU A 186 12.27 8.90 4.94
N GLN A 187 13.41 8.73 5.63
CA GLN A 187 14.27 9.87 5.91
C GLN A 187 14.89 10.45 4.64
N LEU A 188 15.37 9.59 3.75
CA LEU A 188 15.94 10.04 2.49
C LEU A 188 14.90 10.71 1.59
N TYR A 189 13.68 10.17 1.61
CA TYR A 189 12.53 10.79 0.94
C TYR A 189 12.28 12.19 1.46
N ALA A 190 12.19 12.34 2.78
CA ALA A 190 11.93 13.67 3.37
C ALA A 190 13.02 14.69 3.00
N VAL A 191 14.30 14.27 3.03
CA VAL A 191 15.38 15.17 2.60
C VAL A 191 15.25 15.52 1.13
N THR A 192 14.98 14.50 0.28
CA THR A 192 14.81 14.73 -1.14
C THR A 192 13.66 15.69 -1.44
N GLU A 193 12.53 15.49 -0.74
CA GLU A 193 11.37 16.37 -0.91
C GLU A 193 11.66 17.81 -0.53
N GLN A 194 12.33 18.04 0.62
CA GLN A 194 12.65 19.42 0.99
C GLN A 194 13.54 20.11 -0.04
N LEU A 195 14.53 19.38 -0.59
CA LEU A 195 15.37 19.94 -1.66
C LEU A 195 14.57 20.27 -2.91
N GLN A 196 13.63 19.39 -3.29
CA GLN A 196 12.76 19.69 -4.44
C GLN A 196 11.80 20.84 -4.17
N GLN A 197 11.35 21.01 -2.92
CA GLN A 197 10.61 22.20 -2.49
C GLN A 197 11.48 23.47 -2.46
N GLY A 198 12.78 23.35 -2.67
CA GLY A 198 13.68 24.48 -2.72
C GLY A 198 13.95 25.11 -1.37
N LYS A 199 13.73 24.36 -0.28
CA LYS A 199 13.92 24.90 1.08
C LYS A 199 15.38 25.29 1.31
N PRO A 200 15.65 26.41 2.01
CA PRO A 200 17.02 26.95 2.04
C PRO A 200 17.98 26.08 2.80
N THR A 201 19.27 26.19 2.45
CA THR A 201 20.32 25.56 3.25
C THR A 201 20.84 26.46 4.37
N CYS A 202 20.87 27.78 4.16
CA CYS A 202 21.46 28.75 5.10
C CYS A 202 20.45 29.73 5.66
N LYS A 208 23.55 27.35 9.95
CA LYS A 208 22.81 26.79 8.79
C LYS A 208 21.51 26.12 9.27
N THR A 209 20.62 25.78 8.32
CA THR A 209 19.38 25.08 8.61
C THR A 209 19.60 23.61 8.93
N ASP A 210 18.53 22.94 9.41
CA ASP A 210 18.53 21.48 9.53
C ASP A 210 18.95 20.80 8.22
N LEU A 211 18.37 21.25 7.10
CA LEU A 211 18.72 20.70 5.79
C LEU A 211 20.18 20.99 5.42
N GLY A 212 20.69 22.16 5.83
CA GLY A 212 22.11 22.45 5.65
C GLY A 212 23.04 21.54 6.44
N HIS A 213 22.70 21.31 7.72
CA HIS A 213 23.48 20.37 8.55
C HIS A 213 23.47 18.96 8.00
N ILE A 214 22.30 18.51 7.48
CA ILE A 214 22.18 17.18 6.88
C ILE A 214 23.07 17.06 5.65
N LEU A 215 22.97 18.03 4.73
CA LEU A 215 23.78 17.98 3.50
C LEU A 215 25.27 17.96 3.80
N ASP A 216 25.72 18.81 4.74
CA ASP A 216 27.14 18.86 5.10
C ASP A 216 27.66 17.56 5.69
N PHE A 217 26.81 16.77 6.35
CA PHE A 217 27.17 15.41 6.76
C PHE A 217 27.16 14.43 5.58
N CYS A 218 26.10 14.44 4.77
CA CYS A 218 25.98 13.50 3.65
C CYS A 218 27.11 13.64 2.64
N CYS A 219 27.55 14.87 2.43
CA CYS A 219 28.69 15.19 1.57
C CYS A 219 29.96 14.42 1.95
N ARG A 220 30.17 14.21 3.25
CA ARG A 220 31.38 13.65 3.83
C ARG A 220 31.31 12.16 4.13
N LEU A 221 30.12 11.60 4.28
CA LEU A 221 29.96 10.21 4.70
C LEU A 221 30.56 9.21 3.71
N LYS A 222 31.38 8.28 4.20
CA LYS A 222 31.99 7.20 3.43
C LYS A 222 31.22 5.89 3.48
N TYR A 223 30.50 5.59 4.57
CA TYR A 223 29.91 4.27 4.86
C TYR A 223 28.41 4.37 5.18
N LEU A 224 27.55 3.81 4.32
CA LEU A 224 26.10 4.02 4.41
C LEU A 224 25.31 2.72 4.33
N LYS A 225 24.33 2.56 5.23
CA LYS A 225 23.36 1.47 5.14
C LYS A 225 21.92 2.02 5.06
N ILE A 226 21.20 1.62 4.02
CA ILE A 226 19.81 1.99 3.81
C ILE A 226 18.97 0.74 4.04
N GLN A 227 18.15 0.75 5.09
CA GLN A 227 17.31 -0.38 5.44
C GLN A 227 15.85 0.05 5.37
N GLY A 228 15.08 -0.57 4.46
CA GLY A 228 13.64 -0.40 4.42
C GLY A 228 12.92 -1.38 5.34
N THR A 229 11.73 -0.99 5.81
CA THR A 229 10.87 -1.93 6.55
C THR A 229 9.79 -2.49 5.62
N GLU A 230 9.58 -3.79 5.70
CA GLU A 230 8.61 -4.45 4.85
C GLU A 230 7.17 -4.14 5.30
N GLY A 231 6.34 -3.64 4.38
CA GLY A 231 4.95 -3.30 4.69
C GLY A 231 4.75 -1.90 5.26
N PRO A 232 3.56 -1.62 5.81
CA PRO A 232 3.26 -0.26 6.36
C PRO A 232 4.16 0.12 7.51
N PHE A 233 4.71 1.32 7.41
CA PHE A 233 5.66 1.83 8.41
C PHE A 233 4.94 2.33 9.69
N GLY A 234 5.23 1.69 10.82
CA GLY A 234 4.64 2.10 12.10
C GLY A 234 3.13 2.10 12.09
N THR A 235 2.51 3.16 12.62
CA THR A 235 1.07 3.34 12.59
C THR A 235 0.57 4.06 11.32
N SER A 236 1.41 4.20 10.31
CA SER A 236 1.05 4.93 9.11
C SER A 236 0.58 4.01 7.97
N ASN A 237 0.05 4.65 6.93
CA ASN A 237 -0.21 4.05 5.62
C ASN A 237 0.99 4.07 4.68
N ILE A 238 2.16 4.52 5.14
CA ILE A 238 3.34 4.69 4.28
C ILE A 238 3.97 3.35 3.93
N ILE A 239 4.13 3.10 2.64
CA ILE A 239 4.95 2.00 2.12
C ILE A 239 6.30 2.60 1.75
N GLU A 240 7.37 2.26 2.50
CA GLU A 240 8.68 2.85 2.24
C GLU A 240 9.20 2.54 0.83
N GLN A 241 8.95 1.33 0.33
CA GLN A 241 9.47 0.91 -0.97
C GLN A 241 8.92 1.74 -2.13
N GLN A 242 7.79 2.43 -1.95
CA GLN A 242 7.20 3.29 -2.97
C GLN A 242 7.77 4.71 -2.97
N LEU A 243 8.60 5.07 -2.00
CA LEU A 243 9.11 6.44 -1.85
C LEU A 243 10.36 6.69 -2.69
N PRO A 244 10.35 7.65 -3.62
CA PRO A 244 11.58 8.00 -4.37
C PRO A 244 12.53 8.87 -3.57
N PHE A 245 13.83 8.58 -3.68
CA PHE A 245 14.84 9.42 -3.03
C PHE A 245 16.13 9.50 -3.85
N ASP A 246 16.88 10.57 -3.61
CA ASP A 246 18.07 10.91 -4.39
C ASP A 246 19.34 10.86 -3.53
N LEU A 247 20.25 9.97 -3.88
CA LEU A 247 21.55 9.83 -3.22
C LEU A 247 22.64 10.77 -3.76
N SER A 248 22.32 11.67 -4.72
CA SER A 248 23.29 12.65 -5.20
C SER A 248 23.86 13.55 -4.11
N ILE A 249 23.15 13.70 -2.98
CA ILE A 249 23.63 14.46 -1.83
C ILE A 249 24.83 13.80 -1.15
N PHE A 250 25.05 12.53 -1.40
CA PHE A 250 26.23 11.80 -0.95
C PHE A 250 27.25 11.84 -2.09
N LYS A 251 28.47 12.25 -1.76
CA LYS A 251 29.48 12.65 -2.73
C LYS A 251 30.86 12.06 -2.40
N SER A 252 30.92 11.15 -1.43
CA SER A 252 32.18 10.49 -1.05
C SER A 252 31.91 9.06 -0.54
N LEU A 253 30.83 8.41 -0.93
CA LEU A 253 30.58 7.04 -0.50
C LEU A 253 31.61 6.07 -1.05
N HIS A 254 32.14 5.24 -0.16
CA HIS A 254 33.05 4.15 -0.44
C HIS A 254 32.37 2.80 -0.33
N GLN A 255 31.44 2.66 0.61
CA GLN A 255 30.71 1.42 0.83
C GLN A 255 29.23 1.72 1.06
N VAL A 256 28.36 0.98 0.37
CA VAL A 256 26.92 1.16 0.44
C VAL A 256 26.22 -0.19 0.62
N GLU A 257 25.22 -0.21 1.48
CA GLU A 257 24.47 -1.42 1.83
C GLU A 257 22.96 -1.12 1.81
N ILE A 258 22.25 -1.62 0.80
CA ILE A 258 20.82 -1.38 0.62
C ILE A 258 20.05 -2.68 0.85
N SER A 259 19.07 -2.66 1.75
CA SER A 259 18.24 -3.85 1.99
C SER A 259 16.76 -3.47 2.10
N HIS A 260 15.90 -4.30 1.48
CA HIS A 260 14.44 -4.17 1.52
C HIS A 260 13.90 -2.84 0.98
N CYS A 261 14.50 -2.33 -0.10
CA CYS A 261 14.07 -1.14 -0.83
C CYS A 261 13.49 -1.52 -2.20
N ASP A 262 13.32 -0.55 -3.09
CA ASP A 262 13.01 -0.82 -4.51
C ASP A 262 13.93 0.04 -5.38
N ALA A 263 14.87 -0.61 -6.07
CA ALA A 263 15.87 0.11 -6.86
C ALA A 263 15.29 0.94 -8.03
N ARG A 264 14.03 0.71 -8.43
CA ARG A 264 13.37 1.63 -9.36
C ARG A 264 13.27 3.05 -8.83
N HIS A 265 13.17 3.21 -7.52
CA HIS A 265 12.93 4.48 -6.84
C HIS A 265 14.19 5.09 -6.24
N ILE A 266 15.36 4.54 -6.54
CA ILE A 266 16.63 5.04 -6.03
C ILE A 266 17.38 5.73 -7.17
N TYR A 267 17.77 6.99 -6.94
CA TYR A 267 18.46 7.82 -7.92
C TYR A 267 19.77 8.34 -7.31
N GLY A 268 20.75 8.72 -8.14
CA GLY A 268 21.89 9.51 -7.69
C GLY A 268 23.05 8.77 -7.02
N LEU A 269 23.05 7.44 -7.01
CA LEU A 269 24.21 6.70 -6.49
C LEU A 269 25.48 6.99 -7.30
N GLU A 270 25.30 7.33 -8.58
CA GLU A 270 26.42 7.70 -9.46
C GLU A 270 27.20 8.95 -9.04
N ALA A 271 26.67 9.79 -8.15
CA ALA A 271 27.49 10.90 -7.62
C ALA A 271 28.69 10.42 -6.80
N SER A 272 28.66 9.18 -6.28
CA SER A 272 29.80 8.55 -5.61
C SER A 272 30.51 7.50 -6.48
N LYS A 273 30.20 7.46 -7.77
CA LYS A 273 30.88 6.57 -8.71
C LYS A 273 32.41 6.62 -8.71
N PRO A 274 33.08 7.76 -8.56
CA PRO A 274 34.56 7.74 -8.43
C PRO A 274 35.09 7.12 -7.15
N THR A 275 34.30 6.98 -6.09
CA THR A 275 34.78 6.52 -4.80
C THR A 275 34.21 5.17 -4.35
N LEU A 276 33.11 4.71 -4.92
CA LEU A 276 32.38 3.55 -4.42
C LEU A 276 33.12 2.25 -4.75
N ALA A 277 33.65 1.59 -3.73
CA ALA A 277 34.39 0.34 -3.84
C ALA A 277 33.55 -0.90 -3.54
N THR A 278 32.54 -0.75 -2.70
CA THR A 278 31.71 -1.86 -2.21
C THR A 278 30.23 -1.49 -2.28
N LEU A 279 29.42 -2.39 -2.83
CA LEU A 279 27.99 -2.19 -2.96
C LEU A 279 27.25 -3.49 -2.67
N SER A 280 26.35 -3.48 -1.69
CA SER A 280 25.43 -4.60 -1.45
C SER A 280 24.00 -4.09 -1.65
N VAL A 281 23.24 -4.78 -2.51
CA VAL A 281 21.82 -4.50 -2.68
C VAL A 281 21.07 -5.84 -2.59
N ARG A 282 20.31 -6.02 -1.52
CA ARG A 282 19.56 -7.25 -1.26
C ARG A 282 18.07 -6.96 -1.12
N PHE A 283 17.24 -7.93 -1.52
CA PHE A 283 15.79 -7.84 -1.39
C PHE A 283 15.20 -6.55 -2.01
N SER A 284 15.79 -6.07 -3.11
CA SER A 284 15.54 -4.71 -3.58
C SER A 284 15.53 -4.53 -5.11
N THR A 285 15.94 -5.50 -5.93
CA THR A 285 16.02 -5.28 -7.37
C THR A 285 15.57 -6.50 -8.19
N THR A 286 15.14 -6.22 -9.42
CA THR A 286 14.78 -7.22 -10.42
C THR A 286 15.87 -7.49 -11.45
N SER A 287 16.87 -6.60 -11.56
CA SER A 287 17.95 -6.77 -12.54
C SER A 287 19.22 -6.07 -12.04
N MET A 288 20.35 -6.41 -12.69
CA MET A 288 21.59 -5.69 -12.39
C MET A 288 21.55 -4.26 -12.89
N LYS A 289 21.05 -4.07 -14.13
CA LYS A 289 20.98 -2.71 -14.72
C LYS A 289 20.06 -1.79 -13.92
N GLU A 290 19.01 -2.31 -13.28
CA GLU A 290 18.18 -1.48 -12.40
C GLU A 290 18.99 -0.83 -11.27
N VAL A 291 20.06 -1.46 -10.79
CA VAL A 291 20.97 -0.85 -9.80
C VAL A 291 22.07 -0.04 -10.49
N LEU A 292 22.76 -0.64 -11.44
CA LEU A 292 24.02 -0.13 -11.98
C LEU A 292 23.88 0.91 -13.07
N VAL A 293 22.71 1.08 -13.67
CA VAL A 293 22.47 2.01 -14.79
C VAL A 293 21.53 3.14 -14.35
N PRO A 294 21.81 4.42 -14.66
CA PRO A 294 20.88 5.53 -14.37
C PRO A 294 19.65 5.45 -15.25
N VAL A 316 27.18 8.01 -23.72
CA VAL A 316 28.25 7.36 -22.92
C VAL A 316 27.88 7.36 -21.43
N ILE A 317 28.01 6.20 -20.80
CA ILE A 317 27.79 6.02 -19.36
C ILE A 317 29.13 5.68 -18.71
N PRO A 318 29.63 6.46 -17.74
CA PRO A 318 30.91 6.11 -17.05
C PRO A 318 30.83 4.82 -16.26
N THR A 319 31.95 4.11 -16.24
CA THR A 319 32.07 2.89 -15.45
C THR A 319 32.25 3.17 -13.95
N TRP A 320 31.84 2.20 -13.14
CA TRP A 320 32.10 2.18 -11.70
C TRP A 320 33.58 1.88 -11.41
N GLN A 321 34.43 2.87 -11.71
CA GLN A 321 35.90 2.70 -11.73
C GLN A 321 36.52 2.12 -10.46
N ALA A 322 35.95 2.42 -9.29
CA ALA A 322 36.47 1.95 -8.01
C ALA A 322 35.85 0.62 -7.53
N LEU A 323 34.78 0.15 -8.16
CA LEU A 323 33.94 -0.91 -7.59
C LEU A 323 34.60 -2.28 -7.75
N THR A 324 35.00 -2.85 -6.63
CA THR A 324 35.69 -4.11 -6.56
C THR A 324 34.86 -5.20 -5.91
N THR A 325 33.86 -4.84 -5.10
CA THR A 325 32.96 -5.79 -4.46
C THR A 325 31.52 -5.43 -4.77
N LEU A 326 30.78 -6.37 -5.37
CA LEU A 326 29.36 -6.20 -5.63
C LEU A 326 28.57 -7.40 -5.13
N ASP A 327 27.62 -7.14 -4.26
CA ASP A 327 26.68 -8.14 -3.76
C ASP A 327 25.28 -7.78 -4.22
N LEU A 328 24.71 -8.61 -5.08
CA LEU A 328 23.32 -8.53 -5.51
C LEU A 328 22.58 -9.82 -5.15
N SER A 329 23.00 -10.45 -4.05
CA SER A 329 22.29 -11.65 -3.58
C SER A 329 20.89 -11.31 -3.04
N HIS A 330 20.09 -12.38 -2.95
CA HIS A 330 18.72 -12.33 -2.43
C HIS A 330 17.83 -11.32 -3.18
N ASN A 331 17.78 -11.49 -4.50
CA ASN A 331 16.94 -10.66 -5.36
C ASN A 331 16.15 -11.57 -6.33
N CYS A 332 15.56 -11.01 -7.37
CA CYS A 332 14.88 -11.78 -8.41
C CYS A 332 15.63 -11.77 -9.74
N ILE A 333 16.95 -11.57 -9.72
CA ILE A 333 17.71 -11.37 -10.97
C ILE A 333 17.73 -12.67 -11.76
N SER A 334 17.29 -12.60 -13.02
CA SER A 334 17.09 -13.77 -13.88
C SER A 334 18.09 -13.87 -15.04
N CYS A 335 18.88 -12.83 -15.29
CA CYS A 335 20.03 -12.93 -16.20
C CYS A 335 21.14 -11.97 -15.76
N ILE A 336 22.37 -12.28 -16.17
CA ILE A 336 23.48 -11.34 -16.10
C ILE A 336 23.39 -10.46 -17.35
N ASP A 337 23.34 -9.14 -17.17
CA ASP A 337 22.94 -8.24 -18.26
C ASP A 337 24.09 -7.31 -18.71
N GLU A 338 23.77 -6.48 -19.71
CA GLU A 338 24.69 -5.49 -20.29
C GLU A 338 25.40 -4.58 -19.27
N SER A 339 24.89 -4.42 -18.06
CA SER A 339 25.56 -3.57 -17.07
C SER A 339 26.92 -4.10 -16.58
N VAL A 340 27.28 -5.35 -16.92
CA VAL A 340 28.66 -5.82 -16.69
C VAL A 340 29.70 -4.91 -17.32
N LYS A 341 29.36 -4.25 -18.43
CA LYS A 341 30.24 -3.31 -19.12
C LYS A 341 30.65 -2.14 -18.22
N LEU A 342 29.86 -1.84 -17.20
CA LEU A 342 30.10 -0.75 -16.28
C LEU A 342 30.84 -1.15 -15.01
N ILE A 343 31.13 -2.43 -14.78
CA ILE A 343 31.80 -2.90 -13.56
C ILE A 343 33.09 -3.68 -13.84
N PRO A 344 33.99 -3.15 -14.67
CA PRO A 344 35.13 -3.95 -15.20
C PRO A 344 36.18 -4.34 -14.17
N LYS A 345 36.29 -3.62 -13.05
CA LYS A 345 37.29 -3.87 -12.01
C LYS A 345 36.80 -4.75 -10.84
N ILE A 346 35.63 -5.39 -10.99
CA ILE A 346 35.08 -6.27 -9.94
C ILE A 346 35.98 -7.44 -9.65
N GLU A 347 36.24 -7.67 -8.36
CA GLU A 347 36.99 -8.79 -7.81
C GLU A 347 36.10 -9.81 -7.14
N PHE A 348 35.05 -9.35 -6.48
CA PHE A 348 34.09 -10.18 -5.74
C PHE A 348 32.70 -9.89 -6.29
N LEU A 349 32.02 -10.94 -6.74
CA LEU A 349 30.65 -10.83 -7.25
C LEU A 349 29.77 -11.88 -6.60
N ASP A 350 28.79 -11.44 -5.82
CA ASP A 350 27.78 -12.32 -5.24
C ASP A 350 26.43 -12.08 -5.93
N LEU A 351 25.95 -13.13 -6.55
CA LEU A 351 24.68 -13.22 -7.26
C LEU A 351 23.86 -14.39 -6.72
N SER A 352 24.21 -14.89 -5.54
CA SER A 352 23.47 -16.01 -4.94
C SER A 352 22.02 -15.64 -4.59
N HIS A 353 21.19 -16.68 -4.45
CA HIS A 353 19.78 -16.51 -4.10
C HIS A 353 19.04 -15.60 -5.09
N ASN A 354 19.10 -16.00 -6.37
CA ASN A 354 18.46 -15.29 -7.49
C ASN A 354 17.79 -16.34 -8.39
N GLU A 355 17.40 -15.93 -9.61
CA GLU A 355 16.67 -16.77 -10.57
C GLU A 355 17.52 -17.12 -11.81
N LEU A 356 18.85 -17.12 -11.68
CA LEU A 356 19.72 -17.40 -12.82
C LEU A 356 19.63 -18.85 -13.27
N LEU A 357 19.57 -19.04 -14.59
CA LEU A 357 19.47 -20.32 -15.28
C LEU A 357 20.75 -20.68 -16.03
N VAL A 358 21.48 -19.65 -16.48
CA VAL A 358 22.75 -19.81 -17.17
C VAL A 358 23.70 -18.71 -16.71
N VAL A 359 25.00 -18.94 -16.96
CA VAL A 359 26.04 -17.95 -16.75
C VAL A 359 26.45 -17.40 -18.12
N ASP A 360 26.50 -16.07 -18.24
CA ASP A 360 27.08 -15.44 -19.43
C ASP A 360 27.47 -14.00 -19.07
N ASN A 361 28.11 -13.31 -20.02
CA ASN A 361 28.53 -11.89 -19.94
C ASN A 361 29.65 -11.61 -18.90
N LEU A 362 30.16 -12.62 -18.19
CA LEU A 362 31.29 -12.46 -17.27
C LEU A 362 32.67 -12.52 -17.95
N GLN A 363 32.71 -12.66 -19.28
CA GLN A 363 33.97 -12.84 -20.04
C GLN A 363 34.99 -11.74 -19.81
N HIS A 364 34.56 -10.49 -19.70
CA HIS A 364 35.44 -9.32 -19.73
C HIS A 364 35.67 -8.72 -18.34
N LEU A 365 35.26 -9.42 -17.28
CA LEU A 365 35.58 -9.06 -15.90
C LEU A 365 36.90 -9.76 -15.51
N TYR A 366 37.99 -9.23 -16.06
CA TYR A 366 39.31 -9.87 -15.99
C TYR A 366 39.89 -9.95 -14.58
N ASN A 367 39.39 -9.16 -13.65
CA ASN A 367 39.83 -9.14 -12.27
C ASN A 367 38.97 -9.98 -11.32
N LEU A 368 37.90 -10.61 -11.82
CA LEU A 368 36.97 -11.39 -11.00
C LEU A 368 37.63 -12.63 -10.42
N VAL A 369 37.61 -12.75 -9.10
CA VAL A 369 38.37 -13.73 -8.37
C VAL A 369 37.48 -14.61 -7.50
N HIS A 370 36.45 -14.01 -6.87
CA HIS A 370 35.44 -14.71 -6.07
C HIS A 370 34.08 -14.53 -6.72
N LEU A 371 33.47 -15.65 -7.10
CA LEU A 371 32.15 -15.65 -7.74
C LEU A 371 31.21 -16.56 -6.98
N ASP A 372 30.09 -16.00 -6.52
CA ASP A 372 29.05 -16.78 -5.85
C ASP A 372 27.74 -16.75 -6.63
N LEU A 373 27.37 -17.93 -7.13
CA LEU A 373 26.18 -18.22 -7.90
C LEU A 373 25.31 -19.24 -7.18
N SER A 374 25.57 -19.45 -5.91
CA SER A 374 24.82 -20.45 -5.14
C SER A 374 23.33 -20.11 -5.06
N TYR A 375 22.53 -21.16 -4.92
CA TYR A 375 21.07 -21.04 -4.78
C TYR A 375 20.43 -20.22 -5.91
N ASN A 376 20.84 -20.54 -7.13
CA ASN A 376 20.15 -20.19 -8.36
C ASN A 376 19.51 -21.48 -8.93
N LYS A 377 19.22 -21.48 -10.22
CA LYS A 377 18.61 -22.61 -10.92
C LYS A 377 19.52 -23.12 -12.06
N LEU A 378 20.84 -23.07 -11.85
CA LEU A 378 21.83 -23.58 -12.81
C LEU A 378 21.77 -25.10 -12.91
N THR A 379 21.83 -25.61 -14.16
CA THR A 379 21.71 -27.02 -14.47
C THR A 379 22.90 -27.58 -15.26
N SER A 380 23.69 -26.72 -15.90
CA SER A 380 24.85 -27.14 -16.67
C SER A 380 26.00 -26.15 -16.51
N LEU A 381 27.21 -26.69 -16.52
CA LEU A 381 28.46 -25.94 -16.48
C LEU A 381 29.21 -25.98 -17.81
N GLU A 382 28.57 -26.51 -18.87
CA GLU A 382 29.21 -26.60 -20.19
C GLU A 382 29.63 -25.22 -20.71
N GLY A 383 30.86 -25.15 -21.20
CA GLY A 383 31.43 -23.91 -21.70
C GLY A 383 31.73 -22.84 -20.67
N LEU A 384 31.63 -23.16 -19.37
CA LEU A 384 31.84 -22.15 -18.31
C LEU A 384 33.22 -21.49 -18.38
N HIS A 385 34.25 -22.22 -18.81
CA HIS A 385 35.58 -21.65 -19.01
C HIS A 385 35.62 -20.56 -20.09
N THR A 386 34.68 -20.57 -21.05
CA THR A 386 34.61 -19.50 -22.06
C THR A 386 33.89 -18.25 -21.54
N LYS A 387 33.12 -18.40 -20.46
CA LYS A 387 32.29 -17.37 -19.85
C LYS A 387 32.95 -16.69 -18.66
N LEU A 388 34.02 -17.27 -18.10
CA LEU A 388 34.71 -16.81 -16.90
C LEU A 388 36.16 -16.44 -17.17
N GLY A 389 36.70 -15.50 -16.39
CA GLY A 389 38.13 -15.27 -16.30
C GLY A 389 38.86 -16.25 -15.41
N ASN A 390 39.97 -15.79 -14.81
CA ASN A 390 40.79 -16.60 -13.90
C ASN A 390 40.26 -16.57 -12.46
N ILE A 391 39.07 -17.19 -12.28
CA ILE A 391 38.43 -17.30 -10.95
C ILE A 391 39.24 -18.20 -10.02
N LYS A 392 39.31 -17.83 -8.73
CA LYS A 392 39.97 -18.60 -7.69
C LYS A 392 38.98 -19.33 -6.79
N THR A 393 37.87 -18.68 -6.44
CA THR A 393 36.81 -19.24 -5.58
C THR A 393 35.49 -19.20 -6.33
N LEU A 394 34.85 -20.37 -6.44
CA LEU A 394 33.58 -20.53 -7.13
C LEU A 394 32.57 -21.25 -6.23
N ASN A 395 31.47 -20.61 -5.94
CA ASN A 395 30.38 -21.24 -5.19
C ASN A 395 29.17 -21.45 -6.11
N LEU A 396 28.81 -22.73 -6.24
CA LEU A 396 27.70 -23.23 -7.04
C LEU A 396 26.75 -24.07 -6.17
N ALA A 397 26.90 -24.01 -4.87
CA ALA A 397 26.04 -24.76 -3.95
C ALA A 397 24.56 -24.43 -4.18
N GLY A 398 23.69 -25.41 -3.91
CA GLY A 398 22.26 -25.14 -3.94
C GLY A 398 21.64 -24.89 -5.30
N ASN A 399 22.34 -25.24 -6.39
CA ASN A 399 21.77 -25.23 -7.74
C ASN A 399 21.15 -26.60 -8.07
N LEU A 400 20.95 -26.89 -9.36
CA LEU A 400 20.32 -28.12 -9.84
C LEU A 400 21.30 -29.01 -10.63
N LEU A 401 22.58 -28.92 -10.29
CA LEU A 401 23.65 -29.58 -11.05
C LEU A 401 23.71 -31.09 -10.79
N GLU A 402 23.68 -31.89 -11.87
CA GLU A 402 24.02 -33.32 -11.83
C GLU A 402 25.38 -33.64 -12.46
N SER A 403 25.89 -32.78 -13.34
CA SER A 403 27.14 -33.03 -14.03
C SER A 403 28.13 -31.87 -13.89
N LEU A 404 29.41 -32.23 -13.80
CA LEU A 404 30.52 -31.30 -13.62
C LEU A 404 31.26 -31.01 -14.93
N SER A 405 30.75 -31.50 -16.05
CA SER A 405 31.34 -31.23 -17.35
C SER A 405 31.42 -29.73 -17.67
N GLY A 406 32.61 -29.28 -18.07
CA GLY A 406 32.92 -27.88 -18.30
C GLY A 406 33.82 -27.24 -17.25
N LEU A 407 33.92 -27.81 -16.04
CA LEU A 407 34.83 -27.29 -15.01
C LEU A 407 36.30 -27.61 -15.29
N HIS A 408 36.59 -28.64 -16.08
CA HIS A 408 37.94 -29.17 -16.21
C HIS A 408 38.94 -28.21 -16.83
N LYS A 409 38.50 -27.10 -17.44
CA LYS A 409 39.38 -26.07 -17.99
C LYS A 409 39.49 -24.81 -17.11
N LEU A 410 38.86 -24.79 -15.93
CA LEU A 410 39.06 -23.70 -14.94
C LEU A 410 40.38 -23.87 -14.16
N TYR A 411 41.51 -23.82 -14.87
CA TYR A 411 42.80 -24.18 -14.27
C TYR A 411 43.21 -23.31 -13.07
N SER A 412 42.76 -22.07 -13.02
CA SER A 412 43.05 -21.15 -11.92
C SER A 412 42.30 -21.47 -10.62
N LEU A 413 41.31 -22.33 -10.67
CA LEU A 413 40.38 -22.55 -9.55
C LEU A 413 41.04 -23.21 -8.34
N VAL A 414 40.74 -22.67 -7.17
CA VAL A 414 41.35 -23.09 -5.91
C VAL A 414 40.29 -23.64 -4.96
N ASN A 415 39.17 -22.93 -4.83
CA ASN A 415 38.10 -23.30 -3.91
C ASN A 415 36.80 -23.54 -4.69
N LEU A 416 36.21 -24.72 -4.54
CA LEU A 416 34.97 -25.07 -5.23
C LEU A 416 33.91 -25.63 -4.28
N ASP A 417 32.77 -24.95 -4.23
CA ASP A 417 31.63 -25.41 -3.44
C ASP A 417 30.50 -25.83 -4.38
N LEU A 418 30.17 -27.11 -4.28
CA LEU A 418 29.11 -27.77 -5.02
C LEU A 418 28.11 -28.43 -4.07
N SER A 419 28.11 -28.06 -2.79
CA SER A 419 27.18 -28.69 -1.82
C SER A 419 25.71 -28.45 -2.18
N ASN A 420 24.86 -29.36 -1.68
CA ASN A 420 23.40 -29.23 -1.83
C ASN A 420 22.94 -29.16 -3.31
N ASN A 421 23.65 -29.82 -4.23
CA ASN A 421 23.23 -30.01 -5.63
C ASN A 421 22.59 -31.40 -5.82
N ARG A 422 22.66 -31.97 -7.03
CA ARG A 422 22.06 -33.26 -7.39
C ARG A 422 23.11 -34.27 -7.89
N ILE A 423 24.38 -34.10 -7.50
CA ILE A 423 25.48 -34.88 -8.07
C ILE A 423 25.45 -36.32 -7.53
N GLU A 424 25.38 -37.30 -8.44
CA GLU A 424 25.14 -38.68 -8.04
C GLU A 424 26.15 -39.68 -8.60
N GLN A 425 26.66 -39.46 -9.82
CA GLN A 425 27.74 -40.28 -10.37
C GLN A 425 29.12 -39.84 -9.84
N MET A 426 29.79 -40.73 -9.10
CA MET A 426 31.17 -40.50 -8.64
C MET A 426 32.13 -40.19 -9.80
N GLU A 427 31.83 -40.70 -10.97
CA GLU A 427 32.64 -40.46 -12.17
C GLU A 427 32.70 -38.99 -12.59
N GLU A 428 31.75 -38.16 -12.13
CA GLU A 428 31.80 -36.72 -12.44
C GLU A 428 33.00 -36.00 -11.80
N VAL A 429 33.58 -36.57 -10.74
CA VAL A 429 34.78 -35.96 -10.16
C VAL A 429 35.96 -35.92 -11.14
N ARG A 430 35.92 -36.75 -12.19
CA ARG A 430 36.97 -36.70 -13.23
C ARG A 430 37.13 -35.32 -13.86
N HIS A 431 36.08 -34.50 -13.86
CA HIS A 431 36.13 -33.12 -14.37
C HIS A 431 36.83 -32.13 -13.46
N ILE A 432 37.14 -32.51 -12.22
CA ILE A 432 37.85 -31.62 -11.29
C ILE A 432 39.11 -32.26 -10.73
N GLY A 433 39.28 -33.58 -10.82
CA GLY A 433 40.44 -34.26 -10.26
C GLY A 433 41.78 -33.85 -10.84
N SER A 434 41.82 -33.43 -12.10
CA SER A 434 43.04 -32.94 -12.72
C SER A 434 43.27 -31.43 -12.55
N LEU A 435 42.42 -30.72 -11.82
CA LEU A 435 42.64 -29.27 -11.61
C LEU A 435 43.91 -29.00 -10.80
N PRO A 436 44.84 -28.18 -11.32
CA PRO A 436 46.18 -28.06 -10.72
C PRO A 436 46.27 -27.25 -9.45
N CYS A 437 45.31 -26.39 -9.15
CA CYS A 437 45.37 -25.49 -8.00
C CYS A 437 44.31 -25.74 -6.95
N LEU A 438 43.41 -26.70 -7.16
CA LEU A 438 42.29 -26.89 -6.23
C LEU A 438 42.79 -27.33 -4.85
N GLU A 439 42.36 -26.60 -3.83
CA GLU A 439 42.69 -26.88 -2.45
C GLU A 439 41.46 -27.19 -1.62
N TYR A 440 40.28 -26.84 -2.11
CA TYR A 440 39.04 -27.07 -1.37
C TYR A 440 37.93 -27.55 -2.28
N LEU A 441 37.24 -28.60 -1.85
CA LEU A 441 36.05 -29.13 -2.51
C LEU A 441 34.96 -29.42 -1.48
N SER A 442 33.75 -28.97 -1.75
CA SER A 442 32.59 -29.39 -0.98
C SER A 442 31.54 -30.04 -1.88
N LEU A 443 31.16 -31.26 -1.52
CA LEU A 443 30.09 -32.02 -2.13
C LEU A 443 29.04 -32.44 -1.11
N THR A 444 29.09 -31.92 0.13
CA THR A 444 28.10 -32.28 1.15
C THR A 444 26.65 -32.09 0.67
N ASN A 445 25.76 -32.95 1.16
CA ASN A 445 24.34 -33.00 0.80
C ASN A 445 24.06 -33.30 -0.69
N ASN A 446 25.04 -33.79 -1.45
CA ASN A 446 24.81 -34.46 -2.74
C ASN A 446 24.67 -35.97 -2.54
N PRO A 447 23.85 -36.65 -3.38
CA PRO A 447 23.70 -38.14 -3.30
C PRO A 447 24.99 -38.92 -3.36
N VAL A 448 25.98 -38.46 -4.13
CA VAL A 448 27.30 -39.12 -4.22
C VAL A 448 27.93 -39.38 -2.84
N THR A 449 27.63 -38.55 -1.85
CA THR A 449 28.17 -38.71 -0.50
C THR A 449 27.71 -39.98 0.21
N THR A 450 26.64 -40.63 -0.27
CA THR A 450 26.13 -41.87 0.31
C THR A 450 26.84 -43.13 -0.21
N ILE A 451 27.66 -43.01 -1.25
CA ILE A 451 28.35 -44.16 -1.85
C ILE A 451 29.37 -44.75 -0.87
N PRO A 452 29.56 -46.08 -0.81
CA PRO A 452 30.61 -46.65 0.08
C PRO A 452 31.99 -46.18 -0.30
N ASP A 453 32.79 -45.88 0.73
CA ASP A 453 34.18 -45.38 0.57
C ASP A 453 34.26 -44.05 -0.20
N TYR A 454 33.19 -43.25 -0.14
CA TYR A 454 33.05 -41.96 -0.82
C TYR A 454 34.31 -41.07 -0.75
N ARG A 455 34.81 -40.77 0.46
CA ARG A 455 35.94 -39.83 0.57
C ARG A 455 37.18 -40.32 -0.16
N THR A 456 37.57 -41.58 0.07
CA THR A 456 38.74 -42.15 -0.57
C THR A 456 38.57 -42.31 -2.08
N LYS A 457 37.34 -42.56 -2.52
CA LYS A 457 37.07 -42.59 -3.96
C LYS A 457 37.19 -41.22 -4.61
N VAL A 458 36.69 -40.15 -3.94
CA VAL A 458 36.89 -38.80 -4.47
C VAL A 458 38.37 -38.43 -4.50
N LEU A 459 39.05 -38.60 -3.37
CA LEU A 459 40.45 -38.17 -3.28
C LEU A 459 41.39 -38.92 -4.25
N ALA A 460 41.14 -40.20 -4.50
CA ALA A 460 41.94 -40.95 -5.48
C ALA A 460 41.90 -40.33 -6.88
N GLN A 461 40.80 -39.70 -7.26
CA GLN A 461 40.69 -39.02 -8.56
C GLN A 461 41.50 -37.74 -8.64
N PHE A 462 42.03 -37.23 -7.52
CA PHE A 462 43.01 -36.14 -7.49
C PHE A 462 44.46 -36.59 -7.66
N GLY A 463 44.69 -37.89 -7.88
CA GLY A 463 46.03 -38.36 -8.24
C GLY A 463 47.06 -38.02 -7.17
N ASP A 464 48.18 -37.42 -7.59
CA ASP A 464 49.22 -37.01 -6.65
C ASP A 464 48.92 -35.69 -5.91
N ARG A 465 47.76 -35.05 -6.15
CA ARG A 465 47.28 -33.95 -5.33
C ARG A 465 46.25 -34.36 -4.24
N ALA A 466 46.04 -35.66 -4.04
CA ALA A 466 45.07 -36.11 -3.04
C ALA A 466 45.37 -35.59 -1.62
N SER A 467 46.65 -35.38 -1.29
CA SER A 467 47.08 -34.80 -0.01
C SER A 467 46.83 -33.29 0.11
N GLU A 468 46.43 -32.61 -0.96
CA GLU A 468 46.38 -31.15 -1.01
C GLU A 468 44.96 -30.58 -1.00
N VAL A 469 43.93 -31.42 -1.04
CA VAL A 469 42.53 -30.97 -1.13
C VAL A 469 41.81 -31.20 0.20
N CYS A 470 41.27 -30.14 0.77
CA CYS A 470 40.28 -30.24 1.84
C CYS A 470 38.96 -30.67 1.25
N LEU A 471 38.47 -31.85 1.64
CA LEU A 471 37.19 -32.37 1.16
C LEU A 471 36.16 -32.26 2.27
N ASP A 472 35.06 -31.56 1.97
CA ASP A 472 33.89 -31.44 2.85
C ASP A 472 34.20 -30.86 4.24
N ASP A 473 35.11 -29.89 4.31
CA ASP A 473 35.50 -29.19 5.55
C ASP A 473 36.23 -30.09 6.58
N GLU A 474 36.73 -31.26 6.18
CA GLU A 474 37.39 -32.22 7.06
C GLU A 474 38.90 -32.31 6.78
N VAL A 475 39.66 -32.60 7.84
CA VAL A 475 41.08 -32.94 7.71
C VAL A 475 41.23 -34.34 7.14
N THR A 476 41.97 -34.47 6.05
CA THR A 476 42.18 -35.82 5.52
C THR A 476 43.20 -36.60 6.37
N THR A 477 42.84 -37.84 6.72
CA THR A 477 43.66 -38.67 7.58
C THR A 477 44.72 -39.43 6.79
N GLN A 478 45.81 -39.83 7.46
CA GLN A 478 46.73 -40.74 6.78
C GLN A 478 46.10 -42.10 6.47
N LYS A 479 45.11 -42.55 7.26
CA LYS A 479 44.37 -43.76 6.87
C LYS A 479 43.63 -43.57 5.52
N GLU A 480 43.05 -42.38 5.28
CA GLU A 480 42.52 -42.08 3.94
C GLU A 480 43.61 -42.13 2.88
N LEU A 481 44.72 -41.39 3.09
CA LEU A 481 45.76 -41.33 2.06
C LEU A 481 46.41 -42.68 1.80
N ASP A 482 46.62 -43.49 2.84
CA ASP A 482 47.10 -44.87 2.64
C ASP A 482 46.09 -45.70 1.84
N THR A 483 44.80 -45.59 2.18
CA THR A 483 43.76 -46.25 1.40
C THR A 483 43.76 -45.78 -0.05
N VAL A 484 44.05 -44.49 -0.27
CA VAL A 484 44.13 -43.93 -1.61
C VAL A 484 45.35 -44.45 -2.38
N GLU A 485 46.53 -44.52 -1.72
CA GLU A 485 47.72 -44.98 -2.43
C GLU A 485 47.62 -46.44 -2.88
N VAL A 486 46.97 -47.31 -2.08
CA VAL A 486 46.72 -48.68 -2.57
C VAL A 486 45.65 -48.71 -3.67
N LEU A 487 44.57 -47.92 -3.53
CA LEU A 487 43.58 -47.81 -4.62
C LEU A 487 44.23 -47.34 -5.92
N LYS A 488 45.14 -46.34 -5.82
CA LYS A 488 45.91 -45.85 -6.97
C LYS A 488 46.85 -46.91 -7.54
N ALA A 489 47.55 -47.68 -6.68
CA ALA A 489 48.37 -48.79 -7.18
C ALA A 489 47.54 -49.85 -7.91
N ILE A 490 46.33 -50.13 -7.42
CA ILE A 490 45.40 -51.05 -8.11
C ILE A 490 44.98 -50.48 -9.47
N GLN A 491 44.62 -49.18 -9.53
CA GLN A 491 44.26 -48.54 -10.81
C GLN A 491 45.44 -48.46 -11.79
N LYS A 492 46.68 -48.33 -11.28
CA LYS A 492 47.91 -48.35 -12.10
C LYS A 492 48.15 -49.70 -12.76
N ALA A 493 48.03 -50.80 -12.02
CA ALA A 493 48.28 -52.13 -12.53
C ALA A 493 47.30 -52.54 -13.65
N PRO B 49 -13.29 32.49 -12.26
CA PRO B 49 -11.84 32.26 -12.20
C PRO B 49 -11.09 32.48 -13.49
N ALA B 50 -9.79 32.74 -13.35
CA ALA B 50 -8.89 32.81 -14.50
C ALA B 50 -8.67 31.45 -15.15
N LYS B 51 -8.65 31.43 -16.49
CA LYS B 51 -8.42 30.25 -17.32
C LYS B 51 -7.04 30.34 -17.97
N GLU B 52 -6.25 29.26 -17.91
CA GLU B 52 -4.88 29.27 -18.44
C GLU B 52 -4.55 27.94 -19.12
N ALA B 53 -3.87 28.00 -20.27
CA ALA B 53 -3.32 26.80 -20.91
C ALA B 53 -1.89 27.02 -21.42
N ARG B 54 -1.07 25.98 -21.29
CA ARG B 54 0.29 25.94 -21.81
C ARG B 54 0.49 24.62 -22.54
N VAL B 55 1.22 24.64 -23.65
CA VAL B 55 1.57 23.41 -24.39
C VAL B 55 2.99 23.04 -23.97
N VAL B 56 3.08 22.25 -22.90
CA VAL B 56 4.32 22.10 -22.16
C VAL B 56 5.31 21.13 -22.81
N GLY B 57 4.84 20.23 -23.67
CA GLY B 57 5.69 19.20 -24.24
C GLY B 57 4.91 18.24 -25.13
N SER B 58 5.44 17.02 -25.32
CA SER B 58 4.88 16.07 -26.29
C SER B 58 5.27 14.62 -25.98
N GLU B 59 4.54 13.69 -26.60
CA GLU B 59 4.72 12.25 -26.41
C GLU B 59 4.33 11.51 -27.69
N LEU B 60 4.88 10.31 -27.90
CA LEU B 60 4.48 9.43 -29.01
C LEU B 60 3.38 8.44 -28.57
N VAL B 61 2.32 8.33 -29.38
CA VAL B 61 1.13 7.50 -29.11
C VAL B 61 0.72 6.77 -30.40
N ASP B 62 0.58 5.44 -30.33
CA ASP B 62 0.45 4.59 -31.53
C ASP B 62 1.53 4.92 -32.58
N ASN B 63 1.14 5.66 -33.63
CA ASN B 63 1.99 6.07 -34.75
C ASN B 63 1.90 7.57 -35.01
N TYR B 64 1.62 8.37 -33.96
CA TYR B 64 1.58 9.84 -34.04
C TYR B 64 2.05 10.51 -32.75
N THR B 65 2.58 11.72 -32.87
CA THR B 65 2.89 12.54 -31.70
C THR B 65 1.65 13.27 -31.20
N VAL B 66 1.52 13.34 -29.87
CA VAL B 66 0.55 14.20 -29.21
C VAL B 66 1.28 15.29 -28.44
N TYR B 67 0.62 16.44 -28.35
CA TYR B 67 1.07 17.59 -27.57
C TYR B 67 0.33 17.59 -26.25
N ILE B 68 1.06 17.93 -25.19
CA ILE B 68 0.57 17.88 -23.83
C ILE B 68 0.21 19.30 -23.41
N ILE B 69 -1.06 19.52 -23.13
CA ILE B 69 -1.57 20.81 -22.72
C ILE B 69 -1.83 20.76 -21.22
N GLN B 70 -1.17 21.63 -20.48
CA GLN B 70 -1.47 21.81 -19.06
C GLN B 70 -2.50 22.93 -18.95
N VAL B 71 -3.63 22.63 -18.31
CA VAL B 71 -4.77 23.52 -18.20
C VAL B 71 -4.97 23.85 -16.71
N ARG B 72 -5.34 25.10 -16.43
CA ARG B 72 -5.69 25.53 -15.09
C ARG B 72 -6.94 26.40 -15.16
N VAL B 73 -7.86 26.18 -14.22
CA VAL B 73 -9.03 27.03 -14.01
C VAL B 73 -9.16 27.26 -12.50
N GLY B 74 -8.85 28.48 -12.06
CA GLY B 74 -8.74 28.75 -10.63
C GLY B 74 -7.64 27.94 -9.98
N SER B 75 -7.96 27.24 -8.87
CA SER B 75 -7.05 26.33 -8.16
C SER B 75 -7.01 24.91 -8.75
N HIS B 76 -7.94 24.55 -9.63
CA HIS B 76 -7.88 23.29 -10.34
C HIS B 76 -6.90 23.33 -11.51
N LYS B 77 -6.10 22.28 -11.68
CA LYS B 77 -5.26 22.10 -12.87
C LYS B 77 -5.29 20.64 -13.33
N TRP B 78 -5.05 20.42 -14.63
CA TRP B 78 -5.05 19.08 -15.23
C TRP B 78 -4.28 19.09 -16.56
N THR B 79 -4.10 17.89 -17.17
CA THR B 79 -3.43 17.80 -18.46
C THR B 79 -4.30 17.09 -19.51
N VAL B 80 -4.13 17.51 -20.77
CA VAL B 80 -4.84 16.98 -21.93
C VAL B 80 -3.84 16.66 -23.04
N LYS B 81 -4.04 15.54 -23.75
CA LYS B 81 -3.20 15.18 -24.90
C LYS B 81 -3.99 15.34 -26.21
N HIS B 82 -3.41 16.03 -27.20
CA HIS B 82 -4.02 16.13 -28.54
C HIS B 82 -2.96 15.97 -29.64
N ARG B 83 -3.29 15.21 -30.70
CA ARG B 83 -2.46 15.17 -31.90
C ARG B 83 -2.68 16.44 -32.73
N TYR B 84 -1.67 16.78 -33.56
CA TYR B 84 -1.62 18.06 -34.25
C TYR B 84 -2.90 18.40 -35.02
N SER B 85 -3.49 17.41 -35.69
CA SER B 85 -4.72 17.62 -36.46
C SER B 85 -5.89 18.10 -35.62
N ASP B 86 -5.96 17.71 -34.33
CA ASP B 86 -7.07 18.14 -33.48
C ASP B 86 -7.15 19.66 -33.33
N PHE B 87 -6.00 20.34 -33.32
CA PHE B 87 -5.99 21.80 -33.18
C PHE B 87 -6.50 22.49 -34.45
N HIS B 88 -6.23 21.91 -35.62
CA HIS B 88 -6.82 22.43 -36.86
C HIS B 88 -8.31 22.10 -36.93
N ASP B 89 -8.70 20.88 -36.50
CA ASP B 89 -10.12 20.54 -36.43
C ASP B 89 -10.88 21.48 -35.49
N LEU B 90 -10.29 21.77 -34.32
CA LEU B 90 -10.84 22.76 -33.39
C LEU B 90 -11.08 24.09 -34.07
N HIS B 91 -10.06 24.59 -34.79
CA HIS B 91 -10.20 25.86 -35.49
C HIS B 91 -11.33 25.83 -36.53
N GLU B 92 -11.40 24.78 -37.36
CA GLU B 92 -12.49 24.70 -38.34
C GLU B 92 -13.87 24.67 -37.67
N LYS B 93 -14.00 23.90 -36.59
CA LYS B 93 -15.27 23.79 -35.87
C LYS B 93 -15.69 25.14 -35.26
N LEU B 94 -14.74 25.92 -34.73
CA LEU B 94 -15.06 27.26 -34.21
C LEU B 94 -15.54 28.23 -35.29
N VAL B 95 -14.96 28.16 -36.50
CA VAL B 95 -15.46 28.96 -37.61
C VAL B 95 -16.85 28.52 -38.02
N ALA B 96 -17.05 27.20 -38.17
CA ALA B 96 -18.36 26.67 -38.54
C ALA B 96 -19.45 26.98 -37.50
N GLU B 97 -19.13 26.88 -36.20
CA GLU B 97 -20.07 27.35 -35.16
C GLU B 97 -20.25 28.88 -35.14
N HIS B 98 -19.46 29.62 -35.92
CA HIS B 98 -19.46 31.09 -35.95
C HIS B 98 -19.08 31.72 -34.60
N LYS B 99 -18.28 31.01 -33.77
CA LYS B 99 -17.80 31.58 -32.51
C LYS B 99 -16.57 32.49 -32.66
N ILE B 100 -15.83 32.40 -33.77
CA ILE B 100 -14.70 33.27 -34.11
C ILE B 100 -14.89 33.98 -35.46
N ASP B 101 -14.26 35.16 -35.60
CA ASP B 101 -14.16 35.90 -36.85
C ASP B 101 -12.90 35.51 -37.66
N LYS B 102 -12.76 36.09 -38.87
CA LYS B 102 -11.62 35.80 -39.76
C LYS B 102 -10.27 36.23 -39.19
N ASN B 103 -10.27 37.24 -38.31
CA ASN B 103 -9.07 37.90 -37.83
C ASN B 103 -8.26 37.05 -36.84
N LEU B 104 -8.85 36.00 -36.28
CA LEU B 104 -8.13 35.03 -35.46
C LEU B 104 -7.53 33.97 -36.40
N LEU B 105 -6.19 33.99 -36.55
CA LEU B 105 -5.49 33.11 -37.50
C LEU B 105 -5.50 31.64 -37.06
N PRO B 106 -5.47 30.70 -38.01
CA PRO B 106 -5.37 29.26 -37.66
C PRO B 106 -4.05 28.93 -37.01
N PRO B 107 -3.93 27.74 -36.41
CA PRO B 107 -2.59 27.21 -36.10
C PRO B 107 -1.73 27.19 -37.34
N LYS B 108 -0.47 27.63 -37.19
CA LYS B 108 0.43 27.63 -38.34
C LYS B 108 0.66 26.20 -38.83
N LYS B 109 0.40 25.99 -40.11
CA LYS B 109 0.60 24.69 -40.78
C LYS B 109 2.09 24.48 -41.06
N ILE B 110 2.69 23.55 -40.32
CA ILE B 110 4.11 23.26 -40.34
C ILE B 110 4.25 21.80 -40.74
N ILE B 111 4.96 21.53 -41.84
CA ILE B 111 4.92 20.19 -42.46
C ILE B 111 6.32 19.58 -42.62
N GLY B 112 6.38 18.24 -42.58
CA GLY B 112 7.61 17.46 -42.65
C GLY B 112 7.47 16.13 -41.93
N LYS B 113 8.45 15.22 -42.17
CA LYS B 113 8.59 14.03 -41.33
C LYS B 113 8.95 14.44 -39.90
N ASN B 114 8.57 13.60 -38.94
CA ASN B 114 8.78 13.88 -37.53
C ASN B 114 10.27 14.08 -37.17
N SER B 115 10.55 15.09 -36.35
CA SER B 115 11.91 15.41 -35.91
C SER B 115 11.85 16.28 -34.65
N ARG B 116 12.99 16.37 -33.93
CA ARG B 116 13.07 17.27 -32.78
C ARG B 116 12.67 18.69 -33.15
N SER B 117 13.20 19.16 -34.30
CA SER B 117 12.92 20.49 -34.81
C SER B 117 11.44 20.71 -35.10
N LEU B 118 10.81 19.78 -35.83
CA LEU B 118 9.40 19.90 -36.21
C LEU B 118 8.50 19.98 -34.99
N VAL B 119 8.74 19.08 -34.03
CA VAL B 119 7.90 18.99 -32.84
C VAL B 119 8.00 20.27 -32.00
N GLU B 120 9.21 20.81 -31.82
CA GLU B 120 9.33 22.04 -31.03
C GLU B 120 8.76 23.26 -31.76
N LYS B 121 8.92 23.34 -33.08
CA LYS B 121 8.27 24.41 -33.87
C LYS B 121 6.75 24.35 -33.74
N ARG B 122 6.17 23.14 -33.87
CA ARG B 122 4.74 22.94 -33.66
C ARG B 122 4.31 23.27 -32.23
N ARG B 123 5.04 22.75 -31.22
CA ARG B 123 4.72 23.05 -29.82
C ARG B 123 4.63 24.55 -29.54
N LYS B 124 5.62 25.33 -30.00
CA LYS B 124 5.61 26.78 -29.79
C LYS B 124 4.44 27.46 -30.48
N ASP B 125 4.10 27.02 -31.69
CA ASP B 125 2.99 27.66 -32.38
C ASP B 125 1.64 27.31 -31.75
N LEU B 126 1.43 26.05 -31.39
CA LEU B 126 0.18 25.63 -30.74
C LEU B 126 -0.05 26.34 -29.40
N GLU B 127 1.02 26.63 -28.66
CA GLU B 127 0.86 27.39 -27.41
C GLU B 127 0.38 28.81 -27.67
N VAL B 128 1.01 29.51 -28.62
CA VAL B 128 0.56 30.86 -29.00
C VAL B 128 -0.88 30.82 -29.49
N TYR B 129 -1.23 29.80 -30.30
CA TYR B 129 -2.61 29.66 -30.79
C TYR B 129 -3.60 29.48 -29.63
N LEU B 130 -3.34 28.53 -28.72
CA LEU B 130 -4.26 28.35 -27.58
C LEU B 130 -4.36 29.58 -26.71
N GLN B 131 -3.25 30.28 -26.49
CA GLN B 131 -3.29 31.48 -25.66
C GLN B 131 -4.05 32.62 -26.35
N LYS B 132 -3.84 32.84 -27.67
CA LYS B 132 -4.67 33.80 -28.40
C LYS B 132 -6.14 33.43 -28.39
N LEU B 133 -6.42 32.13 -28.52
CA LEU B 133 -7.78 31.61 -28.49
C LEU B 133 -8.45 31.80 -27.13
N LEU B 134 -7.74 31.51 -26.02
CA LEU B 134 -8.31 31.74 -24.69
C LEU B 134 -8.48 33.23 -24.37
N ALA B 135 -7.59 34.10 -24.85
CA ALA B 135 -7.81 35.53 -24.74
C ALA B 135 -9.05 36.01 -25.51
N TYR B 136 -9.41 35.33 -26.59
CA TYR B 136 -10.60 35.67 -27.38
C TYR B 136 -11.90 35.40 -26.63
N PHE B 137 -11.89 34.50 -25.64
CA PHE B 137 -13.08 34.11 -24.86
C PHE B 137 -12.87 34.35 -23.36
N PRO B 138 -12.95 35.62 -22.92
CA PRO B 138 -12.69 35.96 -21.49
C PRO B 138 -13.80 35.54 -20.54
N GLY B 139 -14.99 35.21 -21.05
CA GLY B 139 -16.13 34.77 -20.24
C GLY B 139 -16.44 33.29 -20.42
N VAL B 140 -17.66 32.99 -20.92
CA VAL B 140 -18.08 31.63 -21.25
C VAL B 140 -17.23 31.05 -22.38
N THR B 141 -16.58 29.92 -22.11
CA THR B 141 -15.86 29.16 -23.17
C THR B 141 -16.84 28.43 -24.08
N PRO B 142 -16.67 28.50 -25.41
CA PRO B 142 -17.50 27.69 -26.34
C PRO B 142 -17.42 26.20 -26.04
N ARG B 143 -18.55 25.50 -26.26
CA ARG B 143 -18.61 24.07 -25.95
C ARG B 143 -17.50 23.26 -26.64
N VAL B 144 -17.14 23.62 -27.88
CA VAL B 144 -16.08 22.92 -28.60
C VAL B 144 -14.72 23.07 -27.92
N LEU B 145 -14.39 24.27 -27.46
CA LEU B 145 -13.12 24.51 -26.77
C LEU B 145 -13.15 23.97 -25.34
N ALA B 146 -14.30 24.05 -24.68
CA ALA B 146 -14.46 23.44 -23.36
C ALA B 146 -14.19 21.95 -23.40
N HIS B 147 -14.81 21.23 -24.35
CA HIS B 147 -14.53 19.80 -24.53
C HIS B 147 -13.10 19.53 -24.97
N PHE B 148 -12.52 20.39 -25.81
CA PHE B 148 -11.11 20.24 -26.20
C PHE B 148 -10.19 20.28 -25.00
N LEU B 149 -10.47 21.14 -24.03
CA LEU B 149 -9.68 21.29 -22.81
C LEU B 149 -10.18 20.44 -21.63
N HIS B 150 -11.08 19.47 -21.87
CA HIS B 150 -11.66 18.57 -20.86
C HIS B 150 -12.41 19.29 -19.69
N PHE B 151 -13.00 20.46 -19.97
CA PHE B 151 -13.83 21.15 -18.98
C PHE B 151 -15.02 20.29 -18.52
N HIS B 152 -15.55 19.45 -19.41
CA HIS B 152 -16.62 18.53 -19.05
C HIS B 152 -16.20 17.50 -18.00
N LYS B 153 -14.90 17.26 -17.84
CA LYS B 153 -14.36 16.38 -16.81
C LYS B 153 -13.98 17.12 -15.54
N TYR B 154 -13.34 18.30 -15.64
CA TYR B 154 -12.65 18.90 -14.52
C TYR B 154 -13.11 20.32 -14.13
N GLU B 155 -13.98 20.97 -14.88
CA GLU B 155 -14.42 22.34 -14.61
C GLU B 155 -15.90 22.35 -14.17
N ILE B 156 -16.19 23.17 -13.15
CA ILE B 156 -17.50 23.12 -12.47
C ILE B 156 -18.69 23.26 -13.43
N ASN B 157 -18.69 24.30 -14.29
CA ASN B 157 -19.80 24.48 -15.24
C ASN B 157 -19.84 23.37 -16.29
N GLY B 158 -18.68 22.98 -16.84
CA GLY B 158 -18.64 21.85 -17.77
C GLY B 158 -19.20 20.57 -17.17
N ILE B 159 -18.82 20.29 -15.92
CA ILE B 159 -19.31 19.10 -15.21
C ILE B 159 -20.84 19.12 -15.06
N THR B 160 -21.42 20.23 -14.58
CA THR B 160 -22.89 20.25 -14.42
C THR B 160 -23.61 20.27 -15.76
N GLN B 161 -23.07 20.97 -16.77
CA GLN B 161 -23.66 20.94 -18.11
C GLN B 161 -23.70 19.52 -18.67
N ALA B 162 -22.57 18.82 -18.61
CA ALA B 162 -22.50 17.43 -19.06
C ALA B 162 -23.45 16.53 -18.29
N LEU B 163 -23.57 16.74 -16.98
CA LEU B 163 -24.53 15.97 -16.18
C LEU B 163 -25.97 16.21 -16.63
N ALA B 164 -26.34 17.47 -16.84
CA ALA B 164 -27.69 17.77 -17.34
C ALA B 164 -27.93 17.19 -18.74
N GLU B 165 -26.92 17.26 -19.63
CA GLU B 165 -27.03 16.62 -20.95
C GLU B 165 -27.26 15.11 -20.83
N GLU B 166 -26.49 14.44 -19.95
CA GLU B 166 -26.64 13.00 -19.69
C GLU B 166 -28.03 12.65 -19.14
N LEU B 167 -28.49 13.41 -18.15
CA LEU B 167 -29.81 13.19 -17.58
C LEU B 167 -30.94 13.45 -18.57
N PHE B 168 -30.74 14.36 -19.54
CA PHE B 168 -31.72 14.52 -20.60
C PHE B 168 -31.78 13.27 -21.51
N GLU B 169 -30.63 12.82 -22.03
CA GLU B 169 -30.63 11.67 -22.94
C GLU B 169 -31.14 10.37 -22.27
N LYS B 170 -30.79 10.12 -20.99
CA LYS B 170 -30.97 8.80 -20.36
C LYS B 170 -31.71 8.81 -19.01
N GLY B 171 -31.99 9.98 -18.43
CA GLY B 171 -32.51 10.04 -17.07
C GLY B 171 -33.89 9.42 -16.87
N GLU B 172 -34.88 9.78 -17.72
CA GLU B 172 -36.24 9.27 -17.51
C GLU B 172 -36.31 7.75 -17.70
N GLN B 173 -35.60 7.24 -18.70
CA GLN B 173 -35.51 5.78 -18.89
C GLN B 173 -34.97 5.09 -17.66
N LEU B 174 -33.92 5.66 -17.06
CA LEU B 174 -33.33 5.11 -15.84
C LEU B 174 -34.32 5.15 -14.66
N LEU B 175 -35.01 6.28 -14.48
CA LEU B 175 -35.99 6.41 -13.39
C LEU B 175 -37.15 5.43 -13.55
N GLN B 176 -37.61 5.21 -14.80
CA GLN B 176 -38.70 4.26 -15.05
C GLN B 176 -38.23 2.80 -14.94
N ALA B 177 -36.99 2.50 -15.34
CA ALA B 177 -36.45 1.14 -15.24
C ALA B 177 -36.13 0.70 -13.80
N GLY B 178 -36.15 1.61 -12.83
CA GLY B 178 -35.69 1.31 -11.48
C GLY B 178 -34.21 1.01 -11.38
N GLU B 179 -33.42 1.53 -12.30
CA GLU B 179 -31.98 1.28 -12.38
C GLU B 179 -31.17 2.20 -11.45
N VAL B 180 -29.97 1.73 -11.09
CA VAL B 180 -29.04 2.50 -10.24
C VAL B 180 -28.37 3.60 -11.04
N PHE B 181 -28.42 4.82 -10.54
CA PHE B 181 -27.67 5.92 -11.13
C PHE B 181 -26.29 6.05 -10.45
N GLU B 182 -25.24 6.14 -11.26
CA GLU B 182 -23.89 6.36 -10.74
C GLU B 182 -23.47 7.83 -10.87
N ILE B 183 -22.91 8.37 -9.80
CA ILE B 183 -22.37 9.73 -9.80
C ILE B 183 -21.05 9.75 -9.03
N THR B 184 -20.19 10.72 -9.35
CA THR B 184 -18.96 10.90 -8.59
C THR B 184 -19.06 12.05 -7.59
N PRO B 185 -18.23 12.03 -6.54
CA PRO B 185 -18.16 13.20 -5.62
C PRO B 185 -17.90 14.51 -6.31
N LEU B 186 -17.03 14.54 -7.33
CA LEU B 186 -16.78 15.77 -8.08
C LEU B 186 -18.03 16.28 -8.83
N GLN B 187 -18.83 15.36 -9.37
CA GLN B 187 -20.14 15.76 -9.93
C GLN B 187 -21.08 16.35 -8.87
N LEU B 188 -21.19 15.70 -7.71
CA LEU B 188 -22.05 16.21 -6.62
C LEU B 188 -21.55 17.53 -6.03
N TYR B 189 -20.23 17.67 -5.93
CA TYR B 189 -19.61 18.93 -5.51
C TYR B 189 -19.95 20.06 -6.46
N ALA B 190 -19.82 19.82 -7.77
CA ALA B 190 -20.13 20.85 -8.77
C ALA B 190 -21.57 21.35 -8.64
N VAL B 191 -22.53 20.44 -8.49
CA VAL B 191 -23.93 20.83 -8.28
C VAL B 191 -24.10 21.59 -6.98
N THR B 192 -23.56 21.03 -5.87
CA THR B 192 -23.71 21.67 -4.56
C THR B 192 -23.10 23.07 -4.53
N GLU B 193 -21.92 23.22 -5.13
CA GLU B 193 -21.22 24.51 -5.14
C GLU B 193 -21.96 25.54 -5.99
N GLN B 194 -22.54 25.11 -7.12
CA GLN B 194 -23.36 26.03 -7.94
C GLN B 194 -24.65 26.42 -7.23
N LEU B 195 -25.30 25.49 -6.51
CA LEU B 195 -26.49 25.81 -5.73
C LEU B 195 -26.21 26.89 -4.69
N GLN B 196 -25.02 26.89 -4.09
CA GLN B 196 -24.60 27.95 -3.15
C GLN B 196 -24.38 29.31 -3.83
N GLN B 197 -24.56 29.41 -5.16
CA GLN B 197 -24.72 30.69 -5.85
C GLN B 197 -26.20 30.92 -6.24
N GLY B 198 -26.75 30.23 -7.26
CA GLY B 198 -28.14 30.46 -7.68
C GLY B 198 -28.48 29.76 -9.01
N LYS B 199 -29.63 30.18 -9.62
CA LYS B 199 -30.19 29.82 -10.94
C LYS B 199 -30.78 28.40 -11.14
N PRO B 200 -31.87 28.00 -10.42
CA PRO B 200 -32.62 26.78 -10.75
C PRO B 200 -33.58 26.93 -11.94
N THR B 201 -34.08 28.15 -12.16
CA THR B 201 -34.97 28.49 -13.28
C THR B 201 -34.91 30.00 -13.59
N LYS B 208 -36.63 25.93 -16.44
CA LYS B 208 -35.51 25.27 -15.74
C LYS B 208 -34.17 25.57 -16.44
N THR B 209 -33.10 25.65 -15.65
CA THR B 209 -31.71 25.64 -16.09
C THR B 209 -31.15 24.21 -16.06
N ASP B 210 -29.84 24.04 -16.39
CA ASP B 210 -29.16 22.76 -16.15
C ASP B 210 -29.32 22.28 -14.69
N LEU B 211 -29.16 23.20 -13.73
CA LEU B 211 -29.41 22.85 -12.32
C LEU B 211 -30.86 22.42 -12.09
N GLY B 212 -31.81 23.16 -12.69
CA GLY B 212 -33.22 22.76 -12.57
C GLY B 212 -33.49 21.36 -13.06
N HIS B 213 -32.90 21.00 -14.20
CA HIS B 213 -33.05 19.64 -14.73
C HIS B 213 -32.40 18.59 -13.84
N ILE B 214 -31.20 18.88 -13.31
CA ILE B 214 -30.53 17.98 -12.36
C ILE B 214 -31.38 17.78 -11.11
N LEU B 215 -31.85 18.88 -10.52
CA LEU B 215 -32.66 18.82 -9.29
C LEU B 215 -33.95 18.04 -9.47
N ASP B 216 -34.60 18.15 -10.66
CA ASP B 216 -35.82 17.38 -10.90
C ASP B 216 -35.58 15.88 -10.86
N PHE B 217 -34.51 15.42 -11.52
CA PHE B 217 -34.13 14.01 -11.48
C PHE B 217 -33.75 13.58 -10.07
N CYS B 218 -32.91 14.38 -9.39
CA CYS B 218 -32.45 14.04 -8.05
C CYS B 218 -33.61 13.94 -7.05
N CYS B 219 -34.63 14.77 -7.21
CA CYS B 219 -35.80 14.72 -6.33
C CYS B 219 -36.50 13.36 -6.39
N ARG B 220 -36.59 12.78 -7.59
CA ARG B 220 -37.33 11.55 -7.87
C ARG B 220 -36.52 10.28 -7.68
N LEU B 221 -35.18 10.36 -7.72
CA LEU B 221 -34.34 9.16 -7.78
C LEU B 221 -34.48 8.25 -6.55
N LYS B 222 -34.61 6.94 -6.79
CA LYS B 222 -34.71 5.93 -5.75
C LYS B 222 -33.43 5.14 -5.49
N TYR B 223 -32.53 4.98 -6.47
CA TYR B 223 -31.38 4.07 -6.39
C TYR B 223 -30.09 4.78 -6.81
N LEU B 224 -29.20 5.07 -5.86
CA LEU B 224 -28.00 5.85 -6.07
C LEU B 224 -26.72 5.09 -5.73
N LYS B 225 -25.69 5.26 -6.54
CA LYS B 225 -24.33 4.83 -6.22
C LYS B 225 -23.35 5.99 -6.37
N ILE B 226 -22.68 6.34 -5.28
CA ILE B 226 -21.61 7.34 -5.28
C ILE B 226 -20.29 6.58 -5.20
N GLN B 227 -19.45 6.68 -6.23
CA GLN B 227 -18.14 6.03 -6.22
C GLN B 227 -17.05 7.11 -6.27
N GLY B 228 -16.25 7.17 -5.22
CA GLY B 228 -15.13 8.07 -5.17
C GLY B 228 -13.84 7.44 -5.69
N THR B 229 -12.88 8.31 -5.98
CA THR B 229 -11.53 7.94 -6.40
C THR B 229 -10.54 8.32 -5.29
N GLU B 230 -9.66 7.40 -4.91
CA GLU B 230 -8.54 7.75 -4.02
C GLU B 230 -7.44 8.51 -4.76
N GLY B 231 -6.83 9.50 -4.11
CA GLY B 231 -5.81 10.31 -4.74
C GLY B 231 -6.37 11.29 -5.77
N PRO B 232 -5.49 11.82 -6.63
CA PRO B 232 -5.92 12.80 -7.66
C PRO B 232 -6.83 12.20 -8.72
N PHE B 233 -7.87 12.95 -9.05
CA PHE B 233 -8.86 12.51 -10.04
C PHE B 233 -8.36 12.70 -11.48
N GLY B 234 -8.30 11.61 -12.25
CA GLY B 234 -7.75 11.64 -13.61
C GLY B 234 -6.41 12.33 -13.67
N THR B 235 -6.22 13.18 -14.68
CA THR B 235 -4.99 13.95 -14.84
C THR B 235 -4.95 15.25 -14.01
N SER B 236 -5.92 15.47 -13.14
CA SER B 236 -6.03 16.72 -12.39
C SER B 236 -5.36 16.67 -11.01
N ASN B 237 -5.30 17.83 -10.36
CA ASN B 237 -4.93 17.94 -8.95
C ASN B 237 -6.10 17.77 -7.97
N ILE B 238 -7.30 17.46 -8.46
CA ILE B 238 -8.51 17.41 -7.63
C ILE B 238 -8.51 16.14 -6.78
N ILE B 239 -8.69 16.28 -5.46
CA ILE B 239 -8.85 15.12 -4.57
C ILE B 239 -10.35 14.97 -4.24
N GLU B 240 -11.00 13.92 -4.75
CA GLU B 240 -12.45 13.78 -4.55
C GLU B 240 -12.82 13.68 -3.07
N GLN B 241 -12.04 12.95 -2.29
CA GLN B 241 -12.31 12.77 -0.86
C GLN B 241 -12.16 14.06 -0.02
N GLN B 242 -11.74 15.18 -0.60
CA GLN B 242 -11.78 16.47 0.09
C GLN B 242 -12.99 17.33 -0.27
N LEU B 243 -13.83 16.91 -1.23
CA LEU B 243 -14.92 17.76 -1.74
C LEU B 243 -16.23 17.54 -0.98
N PRO B 244 -16.74 18.53 -0.23
CA PRO B 244 -18.03 18.36 0.46
C PRO B 244 -19.21 18.48 -0.50
N PHE B 245 -20.24 17.67 -0.24
CA PHE B 245 -21.44 17.72 -1.08
C PHE B 245 -22.70 17.42 -0.28
N ASP B 246 -23.82 17.90 -0.82
CA ASP B 246 -25.11 17.91 -0.13
C ASP B 246 -26.12 17.01 -0.84
N LEU B 247 -26.47 15.92 -0.20
CA LEU B 247 -27.48 14.98 -0.70
C LEU B 247 -28.93 15.40 -0.40
N SER B 248 -29.17 16.55 0.26
CA SER B 248 -30.54 16.96 0.55
C SER B 248 -31.35 17.28 -0.72
N ILE B 249 -30.69 17.44 -1.87
CA ILE B 249 -31.36 17.53 -3.16
C ILE B 249 -32.05 16.23 -3.56
N PHE B 250 -31.68 15.12 -2.95
CA PHE B 250 -32.34 13.82 -3.18
C PHE B 250 -33.40 13.58 -2.10
N LYS B 251 -34.67 13.58 -2.51
CA LYS B 251 -35.80 13.50 -1.59
C LYS B 251 -36.43 12.11 -1.50
N SER B 252 -36.07 11.15 -2.37
CA SER B 252 -36.81 9.91 -2.54
C SER B 252 -35.93 8.65 -2.48
N LEU B 253 -34.70 8.74 -1.98
CA LEU B 253 -33.81 7.58 -2.04
C LEU B 253 -34.31 6.42 -1.19
N HIS B 254 -34.36 5.25 -1.81
CA HIS B 254 -34.65 3.99 -1.17
C HIS B 254 -33.39 3.16 -0.93
N GLN B 255 -32.39 3.32 -1.80
CA GLN B 255 -31.15 2.56 -1.74
C GLN B 255 -29.96 3.44 -2.09
N VAL B 256 -28.92 3.40 -1.27
CA VAL B 256 -27.70 4.19 -1.46
C VAL B 256 -26.47 3.32 -1.24
N GLU B 257 -25.54 3.39 -2.18
CA GLU B 257 -24.21 2.80 -2.05
C GLU B 257 -23.16 3.90 -2.18
N ILE B 258 -22.33 4.05 -1.14
CA ILE B 258 -21.23 5.01 -1.12
C ILE B 258 -19.93 4.24 -0.94
N SER B 259 -18.97 4.46 -1.83
CA SER B 259 -17.67 3.81 -1.70
C SER B 259 -16.54 4.81 -1.97
N HIS B 260 -15.49 4.72 -1.14
CA HIS B 260 -14.27 5.52 -1.28
C HIS B 260 -14.49 7.04 -1.24
N CYS B 261 -15.42 7.49 -0.40
CA CYS B 261 -15.69 8.90 -0.09
C CYS B 261 -15.10 9.27 1.27
N ASP B 262 -15.49 10.43 1.82
CA ASP B 262 -15.23 10.77 3.22
C ASP B 262 -16.55 11.25 3.84
N ALA B 263 -17.10 10.44 4.75
CA ALA B 263 -18.42 10.72 5.31
C ALA B 263 -18.46 11.99 6.18
N ARG B 264 -17.31 12.48 6.66
CA ARG B 264 -17.25 13.77 7.36
C ARG B 264 -17.63 14.94 6.45
N HIS B 265 -17.53 14.76 5.14
CA HIS B 265 -17.82 15.75 4.11
C HIS B 265 -19.14 15.52 3.39
N ILE B 266 -19.95 14.54 3.82
CA ILE B 266 -21.26 14.26 3.23
C ILE B 266 -22.34 14.85 4.14
N TYR B 267 -23.26 15.59 3.54
CA TYR B 267 -24.36 16.25 4.24
C TYR B 267 -25.68 15.87 3.55
N GLY B 268 -26.80 15.99 4.27
CA GLY B 268 -28.11 15.96 3.64
C GLY B 268 -28.72 14.60 3.33
N LEU B 269 -28.05 13.50 3.66
CA LEU B 269 -28.65 12.17 3.51
C LEU B 269 -29.93 12.03 4.34
N GLU B 270 -30.05 12.83 5.40
CA GLU B 270 -31.26 12.88 6.24
C GLU B 270 -32.54 13.26 5.48
N ALA B 271 -32.44 13.84 4.28
CA ALA B 271 -33.63 14.22 3.52
C ALA B 271 -34.42 13.01 3.00
N SER B 272 -33.77 11.88 2.72
CA SER B 272 -34.43 10.65 2.29
C SER B 272 -34.67 9.66 3.46
N LYS B 273 -34.50 10.12 4.69
CA LYS B 273 -34.75 9.29 5.86
C LYS B 273 -36.07 8.53 5.90
N PRO B 274 -37.24 9.09 5.49
CA PRO B 274 -38.49 8.29 5.51
C PRO B 274 -38.57 7.20 4.45
N THR B 275 -37.67 7.14 3.47
CA THR B 275 -37.72 6.14 2.41
C THR B 275 -36.50 5.21 2.34
N LEU B 276 -35.37 5.60 2.91
CA LEU B 276 -34.12 4.84 2.76
C LEU B 276 -34.19 3.48 3.48
N ALA B 277 -34.23 2.40 2.70
CA ALA B 277 -34.29 1.04 3.21
C ALA B 277 -32.95 0.33 3.23
N THR B 278 -32.09 0.64 2.25
CA THR B 278 -30.77 0.04 2.10
C THR B 278 -29.71 1.13 2.07
N LEU B 279 -28.73 1.02 2.95
CA LEU B 279 -27.59 1.92 2.95
C LEU B 279 -26.30 1.11 3.03
N SER B 280 -25.40 1.36 2.09
CA SER B 280 -24.07 0.77 2.10
C SER B 280 -23.03 1.89 2.03
N VAL B 281 -22.17 2.00 3.05
CA VAL B 281 -21.09 3.01 3.07
C VAL B 281 -19.75 2.32 3.40
N ARG B 282 -18.86 2.22 2.41
CA ARG B 282 -17.62 1.45 2.52
C ARG B 282 -16.41 2.30 2.13
N PHE B 283 -15.26 1.98 2.75
CA PHE B 283 -13.98 2.70 2.51
C PHE B 283 -14.12 4.22 2.71
N SER B 284 -15.00 4.64 3.63
CA SER B 284 -15.49 6.02 3.66
C SER B 284 -15.70 6.61 5.06
N THR B 285 -15.60 5.83 6.15
CA THR B 285 -15.96 6.40 7.45
C THR B 285 -15.15 5.83 8.62
N THR B 286 -15.14 6.62 9.71
CA THR B 286 -14.51 6.26 10.97
C THR B 286 -15.48 5.71 12.01
N SER B 287 -16.79 5.90 11.84
CA SER B 287 -17.76 5.50 12.87
C SER B 287 -19.17 5.38 12.27
N MET B 288 -20.04 4.64 12.97
CA MET B 288 -21.46 4.58 12.58
C MET B 288 -22.14 5.95 12.73
N LYS B 289 -21.81 6.64 13.82
CA LYS B 289 -22.25 8.01 14.11
C LYS B 289 -21.94 9.00 13.00
N GLU B 290 -20.74 8.93 12.40
CA GLU B 290 -20.39 9.83 11.30
C GLU B 290 -21.30 9.67 10.08
N VAL B 291 -21.90 8.49 9.88
CA VAL B 291 -22.85 8.21 8.79
C VAL B 291 -24.29 8.49 9.19
N LEU B 292 -24.73 7.96 10.34
CA LEU B 292 -26.13 7.93 10.75
C LEU B 292 -26.56 9.14 11.57
N VAL B 293 -25.61 9.86 12.16
CA VAL B 293 -25.86 11.02 13.01
C VAL B 293 -24.87 12.12 12.62
N PRO B 294 -24.86 12.59 11.37
CA PRO B 294 -23.91 13.69 11.03
C PRO B 294 -24.23 14.95 11.83
N GLU B 295 -25.50 15.25 12.16
CA GLU B 295 -25.91 16.17 13.22
C GLU B 295 -25.40 17.62 13.01
N ALA B 296 -24.81 17.92 11.85
CA ALA B 296 -23.94 19.09 11.63
C ALA B 296 -22.87 19.25 12.76
N SER B 297 -22.56 18.16 13.46
CA SER B 297 -21.81 18.10 14.74
C SER B 297 -22.37 18.99 15.88
N GLU B 298 -23.58 19.54 15.73
CA GLU B 298 -23.94 20.78 16.44
C GLU B 298 -24.48 20.61 17.87
N PHE B 299 -25.27 19.57 18.17
CA PHE B 299 -25.93 19.45 19.47
C PHE B 299 -25.26 18.43 20.41
N ASP B 300 -25.04 18.88 21.66
CA ASP B 300 -24.34 18.13 22.71
C ASP B 300 -25.02 16.81 23.04
N GLU B 301 -26.32 16.87 23.37
CA GLU B 301 -27.13 15.73 23.79
C GLU B 301 -28.34 15.56 22.87
N TRP B 302 -28.67 14.29 22.59
CA TRP B 302 -29.79 13.95 21.72
C TRP B 302 -30.40 12.61 22.14
N GLU B 303 -31.65 12.38 21.74
CA GLU B 303 -32.30 11.09 21.82
C GLU B 303 -33.18 10.91 20.60
N PRO B 304 -33.56 9.66 20.26
CA PRO B 304 -34.50 9.42 19.14
C PRO B 304 -35.81 10.16 19.29
N GLU B 305 -36.34 10.62 18.16
CA GLU B 305 -37.70 11.15 18.14
C GLU B 305 -38.70 10.10 18.66
N GLY B 306 -39.42 10.43 19.73
CA GLY B 306 -40.22 9.46 20.47
C GLY B 306 -39.40 8.73 21.52
N THR B 307 -39.30 9.36 22.70
CA THR B 307 -38.63 8.81 23.90
C THR B 307 -39.01 9.66 25.12
N THR B 314 -32.38 18.98 24.48
CA THR B 314 -31.76 17.91 23.66
C THR B 314 -32.43 17.84 22.29
N ALA B 315 -31.71 17.35 21.28
CA ALA B 315 -32.27 17.18 19.95
C ALA B 315 -33.13 15.92 19.85
N VAL B 316 -34.38 16.08 19.39
CA VAL B 316 -35.20 14.96 18.92
C VAL B 316 -34.80 14.63 17.47
N ILE B 317 -33.80 13.79 17.31
CA ILE B 317 -33.32 13.38 15.98
C ILE B 317 -34.17 12.23 15.44
N PRO B 318 -34.85 12.38 14.29
CA PRO B 318 -35.68 11.27 13.76
C PRO B 318 -34.87 10.04 13.41
N THR B 319 -35.49 8.89 13.64
CA THR B 319 -34.84 7.61 13.32
C THR B 319 -35.03 7.22 11.84
N TRP B 320 -34.10 6.39 11.37
CA TRP B 320 -34.15 5.82 10.02
C TRP B 320 -35.20 4.69 9.92
N GLN B 321 -36.49 5.04 10.11
CA GLN B 321 -37.55 4.03 10.25
C GLN B 321 -37.70 3.08 9.06
N ALA B 322 -37.31 3.50 7.87
CA ALA B 322 -37.36 2.63 6.69
C ALA B 322 -36.18 1.66 6.58
N LEU B 323 -35.10 1.90 7.31
CA LEU B 323 -33.80 1.25 7.06
C LEU B 323 -33.77 -0.18 7.62
N THR B 324 -33.76 -1.15 6.71
CA THR B 324 -33.73 -2.57 7.05
C THR B 324 -32.40 -3.23 6.73
N THR B 325 -31.61 -2.65 5.84
CA THR B 325 -30.30 -3.18 5.44
C THR B 325 -29.23 -2.10 5.62
N LEU B 326 -28.21 -2.40 6.41
CA LEU B 326 -27.08 -1.50 6.58
C LEU B 326 -25.76 -2.25 6.40
N ASP B 327 -24.95 -1.77 5.47
CA ASP B 327 -23.57 -2.20 5.29
C ASP B 327 -22.63 -1.04 5.61
N LEU B 328 -21.83 -1.23 6.64
CA LEU B 328 -20.72 -0.35 7.01
C LEU B 328 -19.40 -1.14 7.03
N SER B 329 -19.32 -2.18 6.23
CA SER B 329 -18.08 -2.96 6.13
C SER B 329 -16.95 -2.19 5.42
N HIS B 330 -15.73 -2.73 5.58
CA HIS B 330 -14.53 -2.14 4.99
C HIS B 330 -14.30 -0.66 5.37
N ASN B 331 -14.44 -0.36 6.66
CA ASN B 331 -14.13 0.95 7.23
C ASN B 331 -13.09 0.75 8.35
N CYS B 332 -12.87 1.77 9.19
CA CYS B 332 -12.04 1.62 10.37
C CYS B 332 -12.85 1.72 11.68
N ILE B 333 -14.12 1.27 11.63
CA ILE B 333 -15.02 1.37 12.79
C ILE B 333 -14.50 0.52 13.95
N SER B 334 -14.37 1.13 15.13
CA SER B 334 -13.80 0.50 16.31
C SER B 334 -14.83 0.13 17.39
N CYS B 335 -16.01 0.74 17.36
CA CYS B 335 -17.07 0.40 18.32
C CYS B 335 -18.46 0.55 17.68
N ILE B 336 -19.41 -0.21 18.22
CA ILE B 336 -20.84 -0.03 17.91
C ILE B 336 -21.37 1.06 18.84
N ASP B 337 -21.71 2.22 18.27
CA ASP B 337 -21.93 3.43 19.06
C ASP B 337 -23.43 3.76 19.20
N GLU B 338 -23.71 4.83 19.96
CA GLU B 338 -25.07 5.29 20.20
C GLU B 338 -25.94 5.50 18.95
N SER B 339 -25.37 5.61 17.75
CA SER B 339 -26.20 5.75 16.55
C SER B 339 -27.08 4.54 16.27
N VAL B 340 -26.79 3.42 16.91
CA VAL B 340 -27.66 2.23 16.92
C VAL B 340 -29.09 2.54 17.36
N LYS B 341 -29.27 3.57 18.19
CA LYS B 341 -30.59 4.05 18.60
C LYS B 341 -31.44 4.57 17.44
N LEU B 342 -30.82 4.96 16.33
CA LEU B 342 -31.52 5.51 15.18
C LEU B 342 -31.88 4.48 14.11
N ILE B 343 -31.46 3.21 14.25
CA ILE B 343 -31.76 2.15 13.27
C ILE B 343 -32.57 0.98 13.85
N PRO B 344 -33.68 1.25 14.56
CA PRO B 344 -34.39 0.18 15.32
C PRO B 344 -35.03 -0.91 14.48
N LYS B 345 -35.38 -0.68 13.22
CA LYS B 345 -35.99 -1.68 12.35
C LYS B 345 -34.98 -2.41 11.44
N ILE B 346 -33.68 -2.34 11.75
CA ILE B 346 -32.67 -3.02 10.95
C ILE B 346 -32.81 -4.54 11.03
N GLU B 347 -32.64 -5.21 9.90
CA GLU B 347 -32.78 -6.66 9.76
C GLU B 347 -31.48 -7.32 9.34
N PHE B 348 -30.73 -6.65 8.46
CA PHE B 348 -29.40 -7.06 8.00
C PHE B 348 -28.38 -5.99 8.39
N LEU B 349 -27.35 -6.40 9.14
CA LEU B 349 -26.25 -5.51 9.52
C LEU B 349 -24.90 -6.12 9.16
N ASP B 350 -24.15 -5.42 8.31
CA ASP B 350 -22.79 -5.82 7.94
C ASP B 350 -21.78 -4.79 8.45
N LEU B 351 -20.94 -5.26 9.35
CA LEU B 351 -19.83 -4.52 9.95
C LEU B 351 -18.52 -5.29 9.73
N SER B 352 -18.48 -6.16 8.73
CA SER B 352 -17.25 -6.91 8.48
C SER B 352 -16.09 -6.01 8.04
N HIS B 353 -14.88 -6.54 8.18
CA HIS B 353 -13.68 -5.84 7.74
C HIS B 353 -13.55 -4.45 8.37
N ASN B 354 -13.68 -4.43 9.70
CA ASN B 354 -13.54 -3.23 10.54
C ASN B 354 -12.53 -3.53 11.65
N GLU B 355 -12.55 -2.74 12.73
CA GLU B 355 -11.62 -2.87 13.85
C GLU B 355 -12.34 -3.06 15.19
N LEU B 356 -13.49 -3.74 15.17
CA LEU B 356 -14.24 -4.02 16.39
C LEU B 356 -13.50 -5.02 17.28
N LEU B 357 -13.46 -4.75 18.58
CA LEU B 357 -12.85 -5.62 19.58
C LEU B 357 -13.90 -6.41 20.38
N VAL B 358 -15.11 -5.87 20.47
CA VAL B 358 -16.18 -6.45 21.29
C VAL B 358 -17.51 -6.22 20.57
N VAL B 359 -18.49 -7.07 20.87
CA VAL B 359 -19.87 -6.89 20.43
C VAL B 359 -20.68 -6.30 21.58
N ASP B 360 -21.39 -5.21 21.30
CA ASP B 360 -22.16 -4.50 22.32
C ASP B 360 -23.20 -3.62 21.61
N ASN B 361 -24.18 -3.17 22.38
CA ASN B 361 -25.21 -2.21 21.98
C ASN B 361 -26.15 -2.67 20.85
N LEU B 362 -26.10 -3.93 20.44
CA LEU B 362 -27.05 -4.48 19.47
C LEU B 362 -28.33 -5.06 20.11
N GLN B 363 -28.46 -5.04 21.44
CA GLN B 363 -29.52 -5.82 22.10
C GLN B 363 -30.94 -5.27 21.92
N HIS B 364 -31.14 -4.01 21.54
CA HIS B 364 -32.47 -3.47 21.23
C HIS B 364 -32.78 -3.47 19.73
N LEU B 365 -31.90 -3.99 18.88
CA LEU B 365 -32.22 -4.23 17.47
C LEU B 365 -33.05 -5.52 17.33
N TYR B 366 -34.30 -5.46 17.79
CA TYR B 366 -35.14 -6.67 17.94
C TYR B 366 -35.44 -7.38 16.62
N ASN B 367 -35.42 -6.66 15.50
CA ASN B 367 -35.64 -7.21 14.16
C ASN B 367 -34.38 -7.74 13.49
N LEU B 368 -33.20 -7.58 14.09
CA LEU B 368 -31.94 -8.02 13.48
C LEU B 368 -31.93 -9.55 13.33
N VAL B 369 -31.57 -9.99 12.12
CA VAL B 369 -31.74 -11.38 11.67
C VAL B 369 -30.46 -11.89 11.03
N HIS B 370 -29.78 -11.04 10.28
CA HIS B 370 -28.48 -11.34 9.67
C HIS B 370 -27.45 -10.35 10.21
N LEU B 371 -26.40 -10.87 10.83
CA LEU B 371 -25.32 -10.05 11.39
C LEU B 371 -23.97 -10.55 10.91
N ASP B 372 -23.23 -9.66 10.26
CA ASP B 372 -21.88 -9.98 9.80
C ASP B 372 -20.85 -9.10 10.52
N LEU B 373 -20.02 -9.77 11.28
CA LEU B 373 -18.93 -9.22 12.09
C LEU B 373 -17.60 -9.87 11.69
N SER B 374 -17.56 -10.48 10.50
CA SER B 374 -16.32 -11.09 10.00
C SER B 374 -15.18 -10.09 9.96
N TYR B 375 -13.96 -10.61 10.06
CA TYR B 375 -12.73 -9.81 9.81
C TYR B 375 -12.71 -8.53 10.66
N ASN B 376 -13.11 -8.68 11.91
CA ASN B 376 -12.82 -7.75 12.99
C ASN B 376 -11.74 -8.37 13.90
N LYS B 377 -11.62 -7.90 15.13
CA LYS B 377 -10.63 -8.35 16.10
C LYS B 377 -11.31 -8.94 17.34
N LEU B 378 -12.44 -9.63 17.14
CA LEU B 378 -13.20 -10.25 18.22
C LEU B 378 -12.47 -11.47 18.78
N THR B 379 -12.33 -11.52 20.12
CA THR B 379 -11.62 -12.58 20.82
C THR B 379 -12.54 -13.50 21.62
N SER B 380 -13.72 -13.01 22.01
CA SER B 380 -14.63 -13.69 22.90
C SER B 380 -16.09 -13.47 22.49
N LEU B 381 -16.89 -14.52 22.63
CA LEU B 381 -18.33 -14.52 22.40
C LEU B 381 -19.10 -14.64 23.72
N GLU B 382 -18.44 -14.39 24.85
CA GLU B 382 -19.05 -14.67 26.15
C GLU B 382 -20.25 -13.75 26.43
N GLY B 383 -21.37 -14.36 26.80
CA GLY B 383 -22.60 -13.63 27.02
C GLY B 383 -23.25 -13.01 25.78
N LEU B 384 -22.90 -13.49 24.58
CA LEU B 384 -23.41 -12.91 23.33
C LEU B 384 -24.95 -12.91 23.26
N HIS B 385 -25.62 -13.87 23.91
CA HIS B 385 -27.08 -13.90 23.96
C HIS B 385 -27.71 -12.70 24.68
N THR B 386 -26.96 -12.02 25.54
CA THR B 386 -27.43 -10.78 26.18
C THR B 386 -27.27 -9.58 25.26
N LYS B 387 -26.30 -9.62 24.35
CA LYS B 387 -25.94 -8.55 23.43
C LYS B 387 -26.74 -8.57 22.13
N LEU B 388 -27.48 -9.66 21.85
CA LEU B 388 -28.18 -9.88 20.60
C LEU B 388 -29.63 -10.34 20.79
N GLY B 389 -30.46 -10.05 19.78
CA GLY B 389 -31.78 -10.66 19.67
C GLY B 389 -31.76 -12.01 18.97
N ASN B 390 -32.86 -12.33 18.29
CA ASN B 390 -33.02 -13.63 17.61
C ASN B 390 -32.39 -13.64 16.21
N ILE B 391 -31.04 -13.59 16.19
CA ILE B 391 -30.28 -13.76 14.95
C ILE B 391 -30.54 -15.12 14.33
N LYS B 392 -30.70 -15.16 13.00
CA LYS B 392 -30.77 -16.39 12.21
C LYS B 392 -29.44 -16.71 11.54
N THR B 393 -28.74 -15.71 11.04
CA THR B 393 -27.46 -15.88 10.35
C THR B 393 -26.40 -15.01 11.02
N LEU B 394 -25.32 -15.64 11.47
CA LEU B 394 -24.24 -14.97 12.18
C LEU B 394 -22.92 -15.30 11.51
N ASN B 395 -22.20 -14.28 11.07
CA ASN B 395 -20.89 -14.48 10.49
C ASN B 395 -19.82 -13.83 11.36
N LEU B 396 -18.92 -14.68 11.83
CA LEU B 396 -17.83 -14.38 12.74
C LEU B 396 -16.50 -14.83 12.14
N ALA B 397 -16.47 -15.15 10.85
CA ALA B 397 -15.23 -15.59 10.20
C ALA B 397 -14.12 -14.54 10.28
N GLY B 398 -12.86 -15.01 10.29
CA GLY B 398 -11.74 -14.09 10.21
C GLY B 398 -11.51 -13.23 11.44
N ASN B 399 -12.04 -13.60 12.59
CA ASN B 399 -11.73 -12.97 13.86
C ASN B 399 -10.62 -13.73 14.59
N LEU B 400 -10.46 -13.49 15.90
CA LEU B 400 -9.41 -14.07 16.73
C LEU B 400 -9.97 -15.13 17.69
N LEU B 401 -11.04 -15.81 17.29
CA LEU B 401 -11.79 -16.68 18.22
C LEU B 401 -11.09 -18.00 18.48
N GLU B 402 -10.89 -18.33 19.76
CA GLU B 402 -10.41 -19.63 20.22
C GLU B 402 -11.52 -20.49 20.81
N SER B 403 -12.48 -19.88 21.52
CA SER B 403 -13.57 -20.60 22.17
C SER B 403 -14.95 -20.11 21.73
N LEU B 404 -15.86 -21.06 21.64
CA LEU B 404 -17.26 -20.85 21.28
C LEU B 404 -18.15 -20.70 22.52
N SER B 405 -17.58 -20.61 23.72
CA SER B 405 -18.42 -20.42 24.90
C SER B 405 -19.15 -19.08 24.83
N GLY B 406 -20.43 -19.09 25.25
CA GLY B 406 -21.35 -17.98 25.07
C GLY B 406 -22.31 -18.12 23.89
N LEU B 407 -22.01 -18.98 22.92
CA LEU B 407 -22.86 -19.20 21.75
C LEU B 407 -24.06 -20.12 22.02
N HIS B 408 -24.03 -20.90 23.10
CA HIS B 408 -24.99 -21.99 23.28
C HIS B 408 -26.41 -21.52 23.57
N LYS B 409 -26.63 -20.26 23.94
CA LYS B 409 -27.98 -19.72 24.19
C LYS B 409 -28.57 -18.93 23.01
N LEU B 410 -27.90 -18.88 21.85
CA LEU B 410 -28.45 -18.28 20.62
C LEU B 410 -29.41 -19.26 19.91
N TYR B 411 -30.51 -19.60 20.60
CA TYR B 411 -31.39 -20.70 20.15
C TYR B 411 -32.09 -20.44 18.80
N SER B 412 -32.19 -19.19 18.38
CA SER B 412 -32.73 -18.84 17.07
C SER B 412 -31.77 -19.14 15.91
N LEU B 413 -30.51 -19.41 16.19
CA LEU B 413 -29.47 -19.43 15.17
C LEU B 413 -29.58 -20.61 14.20
N VAL B 414 -29.44 -20.28 12.90
CA VAL B 414 -29.60 -21.23 11.81
C VAL B 414 -28.30 -21.41 11.03
N ASN B 415 -27.65 -20.31 10.67
CA ASN B 415 -26.44 -20.33 9.85
C ASN B 415 -25.30 -19.65 10.60
N LEU B 416 -24.18 -20.36 10.75
CA LEU B 416 -23.02 -19.86 11.49
C LEU B 416 -21.73 -20.04 10.68
N ASP B 417 -20.97 -18.96 10.49
CA ASP B 417 -19.65 -19.08 9.90
C ASP B 417 -18.59 -18.63 10.89
N LEU B 418 -17.71 -19.56 11.22
CA LEU B 418 -16.59 -19.41 12.14
C LEU B 418 -15.26 -19.69 11.45
N SER B 419 -15.25 -19.77 10.13
CA SER B 419 -14.02 -20.04 9.39
C SER B 419 -12.94 -18.96 9.57
N ASN B 420 -11.71 -19.39 9.33
CA ASN B 420 -10.53 -18.51 9.42
C ASN B 420 -10.36 -17.88 10.83
N ASN B 421 -10.77 -18.56 11.90
CA ASN B 421 -10.48 -18.19 13.29
C ASN B 421 -9.30 -19.04 13.83
N ARG B 422 -9.18 -19.15 15.17
CA ARG B 422 -8.10 -19.87 15.85
C ARG B 422 -8.62 -21.10 16.62
N ILE B 423 -9.70 -21.71 16.14
CA ILE B 423 -10.36 -22.82 16.84
C ILE B 423 -9.56 -24.12 16.62
N GLU B 424 -8.88 -24.61 17.64
CA GLU B 424 -8.11 -25.87 17.55
C GLU B 424 -8.74 -27.02 18.35
N GLN B 425 -9.58 -26.72 19.33
CA GLN B 425 -10.12 -27.70 20.26
C GLN B 425 -11.45 -28.28 19.74
N MET B 426 -11.47 -29.57 19.39
CA MET B 426 -12.71 -30.24 18.97
C MET B 426 -13.80 -30.23 20.04
N GLU B 427 -13.42 -30.08 21.30
CA GLU B 427 -14.35 -29.94 22.41
C GLU B 427 -15.16 -28.63 22.38
N GLU B 428 -14.76 -27.63 21.60
CA GLU B 428 -15.49 -26.37 21.57
C GLU B 428 -16.84 -26.49 20.85
N VAL B 429 -17.00 -27.50 19.99
CA VAL B 429 -18.26 -27.72 19.28
C VAL B 429 -19.43 -28.06 20.21
N ARG B 430 -19.16 -28.51 21.45
CA ARG B 430 -20.25 -28.76 22.40
C ARG B 430 -21.14 -27.54 22.65
N HIS B 431 -20.60 -26.32 22.48
CA HIS B 431 -21.39 -25.09 22.61
C HIS B 431 -22.40 -24.88 21.50
N ILE B 432 -22.24 -25.51 20.35
CA ILE B 432 -23.16 -25.33 19.23
C ILE B 432 -23.87 -26.62 18.81
N GLY B 433 -23.32 -27.78 19.16
CA GLY B 433 -23.95 -29.06 18.83
C GLY B 433 -25.37 -29.21 19.32
N SER B 434 -25.67 -28.67 20.51
CA SER B 434 -27.02 -28.73 21.07
C SER B 434 -28.00 -27.70 20.52
N LEU B 435 -27.56 -26.76 19.67
CA LEU B 435 -28.48 -25.72 19.16
C LEU B 435 -29.63 -26.30 18.32
N PRO B 436 -30.87 -25.84 18.54
CA PRO B 436 -32.04 -26.54 17.98
C PRO B 436 -32.30 -26.25 16.52
N CYS B 437 -31.81 -25.15 15.97
CA CYS B 437 -32.18 -24.67 14.65
C CYS B 437 -31.04 -24.68 13.64
N LEU B 438 -29.81 -24.96 14.05
CA LEU B 438 -28.65 -24.77 13.18
C LEU B 438 -28.71 -25.72 11.97
N GLU B 439 -28.66 -25.13 10.78
CA GLU B 439 -28.65 -25.86 9.50
C GLU B 439 -27.29 -25.83 8.84
N TYR B 440 -26.46 -24.81 9.12
CA TYR B 440 -25.17 -24.65 8.45
C TYR B 440 -24.08 -24.18 9.41
N LEU B 441 -22.91 -24.81 9.30
CA LEU B 441 -21.70 -24.42 10.00
C LEU B 441 -20.50 -24.42 9.05
N SER B 442 -19.69 -23.36 9.09
CA SER B 442 -18.38 -23.37 8.44
C SER B 442 -17.28 -23.18 9.48
N LEU B 443 -16.42 -24.18 9.56
CA LEU B 443 -15.22 -24.19 10.38
C LEU B 443 -13.95 -24.19 9.56
N THR B 444 -14.07 -24.12 8.22
CA THR B 444 -12.93 -24.03 7.30
C THR B 444 -11.79 -23.10 7.77
N ASN B 445 -10.55 -23.53 7.49
CA ASN B 445 -9.28 -22.86 7.88
C ASN B 445 -9.07 -22.64 9.41
N ASN B 446 -9.77 -23.33 10.27
CA ASN B 446 -9.43 -23.42 11.70
C ASN B 446 -8.56 -24.64 11.94
N PRO B 447 -7.59 -24.60 12.90
CA PRO B 447 -6.72 -25.78 13.13
C PRO B 447 -7.46 -27.05 13.50
N VAL B 448 -8.65 -26.97 14.11
CA VAL B 448 -9.48 -28.14 14.39
C VAL B 448 -9.78 -29.00 13.16
N THR B 449 -9.73 -28.41 11.96
CA THR B 449 -9.92 -29.16 10.70
C THR B 449 -8.81 -30.18 10.43
N THR B 450 -7.63 -30.02 11.04
CA THR B 450 -6.51 -30.92 10.82
C THR B 450 -6.66 -32.27 11.52
N ILE B 451 -7.57 -32.37 12.48
CA ILE B 451 -7.74 -33.57 13.32
C ILE B 451 -8.25 -34.75 12.49
N PRO B 452 -7.74 -35.97 12.71
CA PRO B 452 -8.27 -37.17 11.99
C PRO B 452 -9.75 -37.37 12.22
N ASP B 453 -10.47 -37.60 11.13
CA ASP B 453 -11.93 -37.78 11.15
C ASP B 453 -12.69 -36.60 11.81
N TYR B 454 -12.13 -35.39 11.56
CA TYR B 454 -12.73 -34.10 11.95
C TYR B 454 -14.22 -33.95 11.60
N ARG B 455 -14.63 -34.20 10.34
CA ARG B 455 -16.04 -33.99 9.96
C ARG B 455 -16.98 -34.81 10.83
N THR B 456 -16.69 -36.11 10.94
CA THR B 456 -17.48 -37.00 11.77
C THR B 456 -17.43 -36.63 13.26
N LYS B 457 -16.27 -36.16 13.75
CA LYS B 457 -16.15 -35.70 15.15
C LYS B 457 -16.89 -34.38 15.43
N VAL B 458 -17.08 -33.54 14.39
CA VAL B 458 -18.01 -32.40 14.50
C VAL B 458 -19.45 -32.90 14.46
N LEU B 459 -19.82 -33.63 13.39
CA LEU B 459 -21.22 -33.99 13.16
C LEU B 459 -21.81 -34.81 14.30
N ALA B 460 -21.04 -35.72 14.89
CA ALA B 460 -21.54 -36.51 16.03
C ALA B 460 -21.95 -35.66 17.23
N GLN B 461 -21.35 -34.48 17.42
CA GLN B 461 -21.72 -33.58 18.51
C GLN B 461 -23.05 -32.86 18.28
N PHE B 462 -23.63 -32.95 17.08
CA PHE B 462 -25.01 -32.51 16.82
C PHE B 462 -26.06 -33.59 17.12
N GLY B 463 -25.64 -34.76 17.60
CA GLY B 463 -26.58 -35.77 18.12
C GLY B 463 -27.65 -36.15 17.12
N ASP B 464 -28.92 -36.12 17.56
CA ASP B 464 -30.05 -36.45 16.68
C ASP B 464 -30.22 -35.48 15.50
N ARG B 465 -29.51 -34.34 15.47
CA ARG B 465 -29.51 -33.42 14.33
C ARG B 465 -28.27 -33.51 13.42
N ALA B 466 -27.41 -34.51 13.61
CA ALA B 466 -26.23 -34.68 12.74
C ALA B 466 -26.58 -34.86 11.25
N SER B 467 -27.76 -35.37 10.93
CA SER B 467 -28.27 -35.51 9.56
C SER B 467 -28.82 -34.19 8.98
N GLU B 468 -29.01 -33.17 9.80
CA GLU B 468 -29.63 -31.92 9.44
C GLU B 468 -28.60 -30.82 9.19
N VAL B 469 -27.38 -30.91 9.56
CA VAL B 469 -26.41 -29.80 9.48
C VAL B 469 -25.48 -29.95 8.28
N CYS B 470 -25.42 -28.91 7.45
CA CYS B 470 -24.39 -28.77 6.42
C CYS B 470 -23.08 -28.27 7.04
N LEU B 471 -22.02 -29.04 6.88
CA LEU B 471 -20.70 -28.69 7.40
C LEU B 471 -19.76 -28.33 6.24
N ASP B 472 -19.20 -27.11 6.30
CA ASP B 472 -18.19 -26.62 5.34
C ASP B 472 -18.64 -26.65 3.87
N ASP B 473 -19.94 -26.40 3.62
CA ASP B 473 -20.60 -26.43 2.31
C ASP B 473 -20.67 -27.82 1.65
N GLU B 474 -20.29 -28.89 2.35
CA GLU B 474 -20.42 -30.26 1.87
C GLU B 474 -21.57 -30.99 2.58
N VAL B 475 -22.55 -31.44 1.79
CA VAL B 475 -23.64 -32.27 2.30
C VAL B 475 -23.12 -33.58 2.86
N THR B 476 -23.69 -33.99 4.01
CA THR B 476 -23.27 -35.22 4.69
C THR B 476 -23.67 -36.45 3.88
N THR B 477 -22.71 -37.35 3.62
CA THR B 477 -23.00 -38.57 2.86
C THR B 477 -23.34 -39.76 3.79
N GLN B 478 -24.04 -40.76 3.22
CA GLN B 478 -24.51 -41.89 4.03
C GLN B 478 -23.38 -42.62 4.78
N LYS B 479 -22.16 -42.68 4.22
CA LYS B 479 -21.02 -43.26 4.95
C LYS B 479 -20.62 -42.43 6.19
N GLU B 480 -20.82 -41.10 6.17
CA GLU B 480 -20.65 -40.30 7.37
C GLU B 480 -21.77 -40.56 8.37
N LEU B 481 -23.02 -40.59 7.88
CA LEU B 481 -24.17 -40.93 8.74
C LEU B 481 -23.98 -42.26 9.43
N ASP B 482 -23.65 -43.32 8.63
CA ASP B 482 -23.31 -44.64 9.17
C ASP B 482 -22.25 -44.55 10.26
N THR B 483 -21.20 -43.75 10.03
CA THR B 483 -20.12 -43.64 11.01
C THR B 483 -20.60 -42.99 12.30
N VAL B 484 -21.33 -41.87 12.22
CA VAL B 484 -21.77 -41.22 13.46
C VAL B 484 -22.89 -42.00 14.16
N GLU B 485 -23.77 -42.70 13.39
CA GLU B 485 -24.80 -43.55 14.00
C GLU B 485 -24.19 -44.74 14.75
N VAL B 486 -23.09 -45.31 14.22
CA VAL B 486 -22.33 -46.32 14.96
C VAL B 486 -21.69 -45.70 16.21
N LEU B 487 -21.13 -44.48 16.10
CA LEU B 487 -20.69 -43.71 17.27
C LEU B 487 -21.91 -43.18 18.04
#